data_4P8M
#
_entry.id   4P8M
#
_cell.length_a   59.243
_cell.length_b   83.981
_cell.length_c   90.052
_cell.angle_alpha   90.00
_cell.angle_beta   100.53
_cell.angle_gamma   90.00
#
_symmetry.space_group_name_H-M   'P 1 21 1'
#
loop_
_entity.id
_entity.type
_entity.pdbx_description
1 polymer 'Probable decaprenylphosphoryl-beta-D-ribose oxidase'
2 non-polymer 'FLAVIN-ADENINE DINUCLEOTIDE'
3 non-polymer '3-[(4-ethoxybenzyl)amino]-6-(trifluoromethyl)quinoxaline-2-carboxylic acid'
4 non-polymer (2R)-2-{[(2R)-2-{[(2R)-2-hydroxypropyl]oxy}propyl]oxy}propan-1-ol
5 non-polymer IMIDAZOLE
6 water water
#
_entity_poly.entity_id   1
_entity_poly.type   'polypeptide(L)'
_entity_poly.pdbx_seq_one_letter_code
;GSSHHHHHHSSGLVPRGSHMLSVGATTTATRLTGWGRTAPSVANVLRTPDAEMIVKAVARVAESGGGRGAIARGLGRSYG
DNAQNGGGLVIDMTPLNTIHSIDADTKLVDIDAGVNLDQLMKAALPFGLWVPVLPGTRQVTVGGAIACDIHGKNHHSAGS
FGNHVRSMDLLTADGEIRHLTPTGEDAELFWATVGGNGLTGIIMRATIEMTPTSTAYFIADGDVTASLDETIALHSDGSE
ARYTYSSAWFDAISAPPKLGRAAVSRGRLATVEQLPAKLRSEPLKFDAPQLLTLPDVFPNGLANKYTFGPIGELWYRKSG
TYRGKVQNLTQFYHPLDMFGEWNRAYGPAGFLQYQFVIPTEAVDEFKKIIGVIQASGHYSFLNVFKLFGPRNQAPLSFPI
PGWNICVDFPIKDGLGKFVSELDRRVLEFGGRLYTAKDSRTTAETFHAMYPRVDEWISVRRKVDPLRVFASDMARRLELL
;
_entity_poly.pdbx_strand_id   A,B
#
loop_
_chem_comp.id
_chem_comp.type
_chem_comp.name
_chem_comp.formula
2J3 non-polymer (2R)-2-{[(2R)-2-{[(2R)-2-hydroxypropyl]oxy}propyl]oxy}propan-1-ol 'C9 H20 O4'
FAD non-polymer 'FLAVIN-ADENINE DINUCLEOTIDE' 'C27 H33 N9 O15 P2'
IMD non-polymer IMIDAZOLE 'C3 H5 N2 1'
R58 non-polymer '3-[(4-ethoxybenzyl)amino]-6-(trifluoromethyl)quinoxaline-2-carboxylic acid' 'C19 H16 F3 N3 O3'
#
# COMPACT_ATOMS: atom_id res chain seq x y z
N THR A 27 5.34 34.23 -19.90
CA THR A 27 5.98 34.69 -21.17
C THR A 27 4.94 35.31 -22.13
N THR A 28 3.94 34.53 -22.53
CA THR A 28 2.90 35.00 -23.45
C THR A 28 1.55 35.17 -22.73
N ALA A 29 0.98 36.37 -22.84
CA ALA A 29 -0.36 36.62 -22.34
C ALA A 29 -1.38 35.90 -23.23
N THR A 30 -2.26 35.13 -22.59
CA THR A 30 -3.20 34.29 -23.32
C THR A 30 -4.56 34.25 -22.63
N ARG A 31 -5.61 34.23 -23.43
CA ARG A 31 -6.97 34.05 -22.92
C ARG A 31 -7.21 32.57 -22.72
N LEU A 32 -7.66 32.19 -21.52
CA LEU A 32 -7.81 30.78 -21.16
C LEU A 32 -9.20 30.42 -20.67
N THR A 33 -9.69 29.29 -21.16
CA THR A 33 -10.90 28.63 -20.67
C THR A 33 -10.62 27.15 -20.52
N GLY A 34 -11.49 26.45 -19.79
CA GLY A 34 -11.48 25.00 -19.76
C GLY A 34 -12.16 24.47 -21.01
N TRP A 35 -12.45 23.18 -21.01
CA TRP A 35 -13.08 22.51 -22.14
C TRP A 35 -14.47 23.02 -22.41
N GLY A 36 -15.14 23.48 -21.35
CA GLY A 36 -16.49 24.01 -21.43
C GLY A 36 -16.61 25.36 -22.11
N ARG A 37 -15.47 25.98 -22.42
CA ARG A 37 -15.41 27.30 -23.08
C ARG A 37 -16.14 28.40 -22.29
N THR A 38 -16.04 28.32 -20.97
CA THR A 38 -16.71 29.25 -20.07
C THR A 38 -15.71 30.02 -19.17
N ALA A 39 -16.21 31.08 -18.53
CA ALA A 39 -15.43 31.93 -17.63
C ALA A 39 -13.99 32.20 -18.13
N PRO A 40 -13.85 32.93 -19.26
CA PRO A 40 -12.51 33.25 -19.76
C PRO A 40 -11.77 34.20 -18.83
N SER A 41 -10.46 33.98 -18.67
CA SER A 41 -9.60 34.90 -17.94
C SER A 41 -8.21 34.88 -18.54
N VAL A 42 -7.61 36.05 -18.67
CA VAL A 42 -6.30 36.19 -19.31
C VAL A 42 -5.19 35.95 -18.29
N ALA A 43 -4.20 35.14 -18.70
CA ALA A 43 -3.04 34.86 -17.86
C ALA A 43 -1.74 34.87 -18.64
N ASN A 44 -0.63 35.09 -17.94
CA ASN A 44 0.69 34.88 -18.50
C ASN A 44 0.96 33.38 -18.55
N VAL A 45 1.08 32.83 -19.75
CA VAL A 45 1.35 31.41 -19.93
C VAL A 45 2.83 31.16 -20.22
N LEU A 46 3.48 30.38 -19.36
CA LEU A 46 4.80 29.86 -19.62
C LEU A 46 4.66 28.50 -20.32
N ARG A 47 5.51 28.27 -21.31
CA ARG A 47 5.46 27.07 -22.11
C ARG A 47 6.88 26.70 -22.53
N THR A 48 7.54 25.87 -21.73
CA THR A 48 8.92 25.48 -21.96
C THR A 48 9.17 24.01 -21.57
N PRO A 49 10.05 23.30 -22.31
CA PRO A 49 10.49 21.94 -21.94
C PRO A 49 11.59 21.91 -20.87
N ASP A 50 12.11 23.08 -20.51
CA ASP A 50 13.20 23.17 -19.55
C ASP A 50 12.63 23.20 -18.14
N ALA A 51 12.86 22.12 -17.41
CA ALA A 51 12.36 21.97 -16.04
C ALA A 51 12.89 23.06 -15.13
N GLU A 52 14.09 23.54 -15.39
CA GLU A 52 14.72 24.55 -14.55
C GLU A 52 14.13 25.94 -14.76
N MET A 53 13.66 26.22 -15.98
CA MET A 53 12.91 27.45 -16.25
C MET A 53 11.59 27.48 -15.46
N ILE A 54 10.99 26.30 -15.27
CA ILE A 54 9.77 26.15 -14.49
C ILE A 54 10.07 26.39 -13.00
N VAL A 55 11.14 25.79 -12.51
CA VAL A 55 11.61 25.98 -11.12
C VAL A 55 11.85 27.48 -10.84
N LYS A 56 12.51 28.15 -11.78
CA LYS A 56 12.82 29.57 -11.67
C LYS A 56 11.59 30.47 -11.75
N ALA A 57 10.64 30.11 -12.61
CA ALA A 57 9.39 30.85 -12.77
C ALA A 57 8.59 30.83 -11.48
N VAL A 58 8.57 29.68 -10.81
CA VAL A 58 7.92 29.54 -9.51
C VAL A 58 8.64 30.39 -8.48
N ALA A 59 9.98 30.33 -8.49
CA ALA A 59 10.81 31.14 -7.59
C ALA A 59 10.51 32.64 -7.74
N ARG A 60 10.32 33.09 -8.98
CA ARG A 60 9.99 34.49 -9.26
C ARG A 60 8.65 34.91 -8.66
N VAL A 61 7.68 33.98 -8.69
CA VAL A 61 6.35 34.23 -8.14
C VAL A 61 6.44 34.33 -6.62
N ALA A 62 7.25 33.47 -5.99
CA ALA A 62 7.48 33.51 -4.54
C ALA A 62 8.35 34.69 -4.12
N GLU A 63 9.16 35.19 -5.06
CA GLU A 63 10.06 36.32 -4.84
C GLU A 63 9.31 37.64 -4.62
N SER A 64 8.38 37.94 -5.51
CA SER A 64 7.51 39.12 -5.35
C SER A 64 6.10 38.66 -4.98
N GLY A 65 6.03 37.47 -4.36
CA GLY A 65 4.75 36.78 -4.14
C GLY A 65 4.07 37.00 -2.80
N GLY A 66 2.87 36.45 -2.66
CA GLY A 66 2.28 35.54 -3.65
C GLY A 66 1.75 36.14 -4.95
N GLY A 67 1.20 37.35 -4.88
CA GLY A 67 0.54 37.98 -6.03
C GLY A 67 -0.70 37.18 -6.44
N ARG A 68 -0.95 37.08 -7.74
CA ARG A 68 -2.04 36.23 -8.23
C ARG A 68 -1.60 34.77 -8.39
N GLY A 69 -0.32 34.53 -8.14
CA GLY A 69 0.23 33.18 -8.07
C GLY A 69 0.36 32.44 -9.39
N ALA A 70 0.51 31.12 -9.29
CA ALA A 70 0.70 30.25 -10.45
C ALA A 70 -0.12 28.96 -10.34
N ILE A 71 -0.59 28.47 -11.49
CA ILE A 71 -1.21 27.15 -11.56
C ILE A 71 -0.60 26.36 -12.72
N ALA A 72 -0.42 25.05 -12.53
CA ALA A 72 -0.03 24.20 -13.64
C ALA A 72 -1.24 24.02 -14.56
N ARG A 73 -0.98 23.66 -15.81
CA ARG A 73 -2.01 23.36 -16.78
C ARG A 73 -1.56 22.20 -17.67
N GLY A 74 -2.44 21.24 -17.90
CA GLY A 74 -2.13 20.12 -18.78
C GLY A 74 -2.70 20.40 -20.16
N LEU A 75 -3.59 19.52 -20.61
CA LEU A 75 -4.17 19.61 -21.95
C LEU A 75 -5.49 20.39 -21.98
N GLY A 76 -5.86 20.98 -20.85
CA GLY A 76 -7.06 21.80 -20.76
C GLY A 76 -8.38 21.06 -20.91
N ARG A 77 -8.42 19.80 -20.50
CA ARG A 77 -9.62 18.99 -20.70
C ARG A 77 -10.66 19.10 -19.59
N SER A 78 -10.28 19.65 -18.42
CA SER A 78 -11.27 19.95 -17.40
C SER A 78 -12.18 21.05 -17.93
N TYR A 79 -13.48 20.86 -17.76
CA TYR A 79 -14.48 21.79 -18.26
C TYR A 79 -14.45 23.12 -17.54
N GLY A 80 -14.06 23.10 -16.28
CA GLY A 80 -14.11 24.27 -15.41
C GLY A 80 -12.90 25.17 -15.39
N ASP A 81 -12.68 25.77 -14.22
CA ASP A 81 -11.70 26.84 -14.08
C ASP A 81 -10.50 26.46 -13.23
N ASN A 82 -10.22 25.17 -13.09
CA ASN A 82 -9.09 24.76 -12.26
C ASN A 82 -7.70 24.92 -12.91
N ALA A 83 -7.64 24.94 -14.23
CA ALA A 83 -6.35 25.15 -14.92
C ALA A 83 -6.18 26.55 -15.50
N GLN A 84 -6.82 27.52 -14.85
CA GLN A 84 -6.65 28.92 -15.24
C GLN A 84 -6.46 29.82 -14.03
N ASN A 85 -5.79 30.95 -14.25
CA ASN A 85 -5.45 31.87 -13.18
C ASN A 85 -5.39 33.31 -13.67
N GLY A 86 -6.55 33.97 -13.64
CA GLY A 86 -6.71 35.35 -14.14
C GLY A 86 -5.73 36.32 -13.52
N GLY A 87 -4.92 36.94 -14.37
CA GLY A 87 -3.96 37.94 -13.92
C GLY A 87 -2.74 37.36 -13.25
N GLY A 88 -2.62 36.04 -13.26
CA GLY A 88 -1.46 35.35 -12.73
C GLY A 88 -0.76 34.53 -13.80
N LEU A 89 0.06 33.58 -13.35
CA LEU A 89 0.82 32.73 -14.24
C LEU A 89 0.15 31.38 -14.42
N VAL A 90 0.21 30.87 -15.64
CA VAL A 90 -0.17 29.50 -15.95
C VAL A 90 1.04 28.80 -16.58
N ILE A 91 1.42 27.65 -16.03
CA ILE A 91 2.53 26.89 -16.57
C ILE A 91 2.02 25.68 -17.34
N ASP A 92 2.10 25.78 -18.66
CA ASP A 92 1.73 24.71 -19.59
C ASP A 92 2.75 23.59 -19.47
N MET A 93 2.28 22.44 -19.01
CA MET A 93 3.18 21.32 -18.68
C MET A 93 3.40 20.33 -19.81
N THR A 94 2.67 20.50 -20.92
CA THR A 94 2.71 19.56 -22.05
C THR A 94 4.06 19.45 -22.78
N PRO A 95 4.89 20.52 -22.78
CA PRO A 95 6.24 20.31 -23.31
C PRO A 95 7.09 19.34 -22.47
N LEU A 96 6.75 19.15 -21.21
CA LEU A 96 7.48 18.22 -20.36
C LEU A 96 6.90 16.82 -20.55
N ASN A 97 7.32 16.15 -21.60
CA ASN A 97 6.63 14.95 -22.05
C ASN A 97 7.55 13.75 -22.29
N THR A 98 8.62 13.66 -21.52
CA THR A 98 9.54 12.52 -21.64
C THR A 98 9.03 11.29 -20.88
N ILE A 99 9.06 10.16 -21.56
CA ILE A 99 8.91 8.86 -20.90
C ILE A 99 10.31 8.39 -20.55
N HIS A 100 10.63 8.35 -19.25
CA HIS A 100 12.00 8.03 -18.82
C HIS A 100 12.30 6.55 -18.87
N SER A 101 11.32 5.73 -18.48
CA SER A 101 11.50 4.28 -18.47
C SER A 101 10.18 3.56 -18.29
N ILE A 102 10.13 2.36 -18.83
CA ILE A 102 9.02 1.44 -18.65
C ILE A 102 9.64 0.08 -18.37
N ASP A 103 9.10 -0.60 -17.36
CA ASP A 103 9.68 -1.87 -16.92
C ASP A 103 8.58 -2.92 -16.79
N ALA A 104 8.68 -3.98 -17.59
CA ALA A 104 7.66 -5.02 -17.59
C ALA A 104 7.73 -5.88 -16.32
N ASP A 105 8.92 -6.01 -15.75
CA ASP A 105 9.14 -6.84 -14.55
C ASP A 105 8.52 -6.22 -13.29
N THR A 106 8.77 -4.93 -13.09
CA THR A 106 8.21 -4.21 -11.94
C THR A 106 6.88 -3.54 -12.27
N LYS A 107 6.51 -3.50 -13.56
CA LYS A 107 5.26 -2.89 -14.03
C LYS A 107 5.22 -1.37 -13.84
N LEU A 108 6.39 -0.77 -13.64
CA LEU A 108 6.49 0.65 -13.35
C LEU A 108 6.85 1.47 -14.58
N VAL A 109 6.18 2.61 -14.73
CA VAL A 109 6.58 3.60 -15.72
C VAL A 109 6.98 4.85 -14.97
N ASP A 110 8.04 5.50 -15.46
CA ASP A 110 8.57 6.73 -14.91
C ASP A 110 8.47 7.80 -15.99
N ILE A 111 7.56 8.75 -15.80
CA ILE A 111 7.24 9.71 -16.86
C ILE A 111 7.14 11.14 -16.34
N ASP A 112 7.52 12.10 -17.17
CA ASP A 112 7.25 13.52 -16.91
C ASP A 112 5.76 13.78 -16.83
N ALA A 113 5.36 14.81 -16.08
CA ALA A 113 3.94 15.02 -15.78
C ALA A 113 3.14 15.45 -17.00
N GLY A 114 3.84 15.89 -18.03
CA GLY A 114 3.22 16.34 -19.26
C GLY A 114 2.94 15.23 -20.26
N VAL A 115 3.48 14.03 -20.06
CA VAL A 115 3.08 12.95 -20.96
C VAL A 115 1.59 12.70 -20.84
N ASN A 116 0.96 12.46 -22.00
CA ASN A 116 -0.46 12.22 -22.00
C ASN A 116 -0.77 10.72 -22.06
N LEU A 117 -2.01 10.38 -21.73
CA LEU A 117 -2.39 8.98 -21.59
C LEU A 117 -2.43 8.24 -22.92
N ASP A 118 -2.66 8.94 -24.03
CA ASP A 118 -2.58 8.31 -25.33
C ASP A 118 -1.15 7.89 -25.61
N GLN A 119 -0.23 8.84 -25.45
CA GLN A 119 1.20 8.59 -25.55
C GLN A 119 1.62 7.42 -24.65
N LEU A 120 1.17 7.44 -23.40
CA LEU A 120 1.60 6.42 -22.44
C LEU A 120 1.04 5.05 -22.82
N MET A 121 -0.24 5.02 -23.19
CA MET A 121 -0.87 3.79 -23.64
C MET A 121 -0.08 3.14 -24.78
N LYS A 122 0.25 3.92 -25.80
CA LYS A 122 1.01 3.40 -26.93
C LYS A 122 2.40 2.90 -26.57
N ALA A 123 3.09 3.66 -25.73
CA ALA A 123 4.44 3.30 -25.33
C ALA A 123 4.47 2.02 -24.49
N ALA A 124 3.43 1.80 -23.69
CA ALA A 124 3.46 0.71 -22.71
C ALA A 124 2.93 -0.64 -23.20
N LEU A 125 2.09 -0.61 -24.23
CA LEU A 125 1.50 -1.82 -24.78
C LEU A 125 2.50 -2.93 -25.14
N PRO A 126 3.59 -2.60 -25.88
CA PRO A 126 4.56 -3.64 -26.26
C PRO A 126 5.21 -4.30 -25.05
N PHE A 127 5.06 -3.73 -23.87
CA PHE A 127 5.58 -4.36 -22.65
C PHE A 127 4.54 -5.23 -21.97
N GLY A 128 3.36 -5.36 -22.58
CA GLY A 128 2.26 -6.09 -21.94
C GLY A 128 1.75 -5.35 -20.72
N LEU A 129 1.68 -4.03 -20.83
CA LEU A 129 1.24 -3.17 -19.72
C LEU A 129 0.11 -2.25 -20.16
N TRP A 130 -0.80 -1.98 -19.23
CA TRP A 130 -2.02 -1.26 -19.49
C TRP A 130 -2.17 -0.13 -18.51
N VAL A 131 -2.46 1.07 -19.01
CA VAL A 131 -2.76 2.22 -18.15
C VAL A 131 -3.88 1.86 -17.20
N PRO A 132 -3.63 1.95 -15.87
CA PRO A 132 -4.55 1.31 -14.94
C PRO A 132 -5.90 2.02 -14.80
N VAL A 133 -5.94 3.32 -15.08
CA VAL A 133 -7.19 4.08 -15.10
C VAL A 133 -7.27 4.98 -16.34
N LEU A 134 -8.20 4.67 -17.23
CA LEU A 134 -8.40 5.44 -18.46
C LEU A 134 -9.74 6.16 -18.41
N PRO A 135 -9.73 7.49 -18.60
CA PRO A 135 -10.97 8.26 -18.66
C PRO A 135 -11.55 8.21 -20.07
N GLY A 136 -12.63 8.96 -20.31
CA GLY A 136 -13.37 8.91 -21.58
C GLY A 136 -12.69 9.59 -22.76
N THR A 137 -11.59 10.29 -22.51
CA THR A 137 -10.67 10.76 -23.55
C THR A 137 -9.25 10.39 -23.14
N ARG A 138 -8.40 10.09 -24.12
CA ARG A 138 -6.99 9.81 -23.83
C ARG A 138 -6.14 11.07 -23.80
N GLN A 139 -6.79 12.21 -24.07
CA GLN A 139 -6.07 13.48 -24.14
C GLN A 139 -6.03 14.18 -22.79
N VAL A 140 -5.44 13.50 -21.80
CA VAL A 140 -5.17 14.12 -20.52
C VAL A 140 -3.73 13.86 -20.11
N THR A 141 -3.12 14.82 -19.43
CA THR A 141 -1.77 14.63 -18.95
C THR A 141 -1.76 13.77 -17.69
N VAL A 142 -0.61 13.18 -17.41
CA VAL A 142 -0.39 12.47 -16.15
C VAL A 142 -0.58 13.43 -14.96
N GLY A 143 -0.06 14.65 -15.07
CA GLY A 143 -0.30 15.68 -14.04
C GLY A 143 -1.79 15.97 -13.83
N GLY A 144 -2.52 16.09 -14.94
CA GLY A 144 -3.97 16.33 -14.89
C GLY A 144 -4.71 15.14 -14.28
N ALA A 145 -4.28 13.93 -14.60
CA ALA A 145 -4.88 12.69 -14.08
C ALA A 145 -4.73 12.58 -12.57
N ILE A 146 -3.58 12.99 -12.06
CA ILE A 146 -3.35 12.95 -10.62
C ILE A 146 -4.11 14.06 -9.94
N ALA A 147 -4.00 15.28 -10.48
CA ALA A 147 -4.56 16.46 -9.82
C ALA A 147 -6.07 16.43 -9.69
N CYS A 148 -6.74 15.77 -10.65
CA CYS A 148 -8.18 15.59 -10.55
C CYS A 148 -8.53 14.19 -10.08
N ASP A 149 -7.50 13.39 -9.75
CA ASP A 149 -7.66 11.98 -9.32
C ASP A 149 -8.74 11.31 -10.15
N ILE A 150 -8.48 11.20 -11.46
CA ILE A 150 -9.51 10.78 -12.41
C ILE A 150 -9.93 9.32 -12.24
N HIS A 151 -11.12 9.00 -12.75
CA HIS A 151 -11.71 7.69 -12.63
C HIS A 151 -12.13 7.25 -14.01
N GLY A 152 -12.39 5.96 -14.15
CA GLY A 152 -12.81 5.40 -15.43
C GLY A 152 -13.86 4.32 -15.27
N LYS A 153 -14.13 3.61 -16.37
CA LYS A 153 -15.04 2.47 -16.39
C LYS A 153 -14.73 1.38 -15.37
N ASN A 154 -13.48 1.30 -14.93
CA ASN A 154 -13.05 0.24 -14.02
C ASN A 154 -12.92 0.70 -12.58
N HIS A 155 -13.58 1.81 -12.23
CA HIS A 155 -13.41 2.33 -10.88
C HIS A 155 -13.80 1.33 -9.81
N HIS A 156 -14.89 0.63 -10.00
CA HIS A 156 -15.39 -0.32 -9.00
C HIS A 156 -14.42 -1.45 -8.72
N SER A 157 -13.50 -1.71 -9.66
CA SER A 157 -12.49 -2.75 -9.47
C SER A 157 -11.06 -2.22 -9.28
N ALA A 158 -10.78 -0.99 -9.74
CA ALA A 158 -9.39 -0.50 -9.77
C ALA A 158 -9.16 0.78 -8.95
N GLY A 159 -10.25 1.39 -8.50
CA GLY A 159 -10.17 2.71 -7.89
C GLY A 159 -9.86 3.77 -8.92
N SER A 160 -9.39 4.92 -8.46
CA SER A 160 -9.09 6.05 -9.35
C SER A 160 -7.59 6.16 -9.61
N PHE A 161 -7.18 7.22 -10.32
CA PHE A 161 -5.83 7.30 -10.86
C PHE A 161 -4.81 7.33 -9.71
N GLY A 162 -5.17 8.04 -8.65
CA GLY A 162 -4.31 8.20 -7.46
C GLY A 162 -3.90 6.91 -6.77
N ASN A 163 -4.79 5.90 -6.80
CA ASN A 163 -4.48 4.55 -6.27
C ASN A 163 -3.26 3.87 -6.87
N HIS A 164 -2.81 4.32 -8.04
CA HIS A 164 -1.75 3.66 -8.82
C HIS A 164 -0.47 4.45 -8.93
N VAL A 165 -0.43 5.59 -8.25
CA VAL A 165 0.77 6.39 -8.22
C VAL A 165 1.66 5.85 -7.11
N ARG A 166 2.89 5.46 -7.47
CA ARG A 166 3.86 4.94 -6.50
C ARG A 166 4.79 6.02 -5.95
N SER A 167 5.00 7.08 -6.72
CA SER A 167 5.76 8.22 -6.26
C SER A 167 5.53 9.34 -7.22
N MET A 168 5.74 10.57 -6.76
CA MET A 168 5.75 11.74 -7.63
C MET A 168 6.70 12.81 -7.10
N ASP A 169 7.29 13.57 -8.01
CA ASP A 169 8.15 14.69 -7.65
C ASP A 169 7.33 15.97 -7.74
N LEU A 170 7.17 16.65 -6.62
CA LEU A 170 6.40 17.88 -6.56
C LEU A 170 7.28 19.10 -6.30
N LEU A 171 7.24 20.05 -7.23
CA LEU A 171 7.85 21.35 -7.06
C LEU A 171 6.94 22.18 -6.16
N THR A 172 7.40 22.46 -4.95
CA THR A 172 6.60 23.19 -3.97
C THR A 172 6.92 24.69 -3.98
N ALA A 173 6.16 25.45 -3.19
CA ALA A 173 6.27 26.91 -3.15
C ALA A 173 7.68 27.42 -2.80
N ASP A 174 8.39 26.65 -1.98
CA ASP A 174 9.75 26.98 -1.55
C ASP A 174 10.79 26.81 -2.66
N GLY A 175 10.38 26.23 -3.78
CA GLY A 175 11.29 25.96 -4.90
C GLY A 175 11.98 24.61 -4.80
N GLU A 176 11.65 23.84 -3.76
CA GLU A 176 12.19 22.50 -3.59
C GLU A 176 11.33 21.47 -4.32
N ILE A 177 11.97 20.43 -4.85
CA ILE A 177 11.24 19.33 -5.48
C ILE A 177 11.15 18.15 -4.52
N ARG A 178 9.97 17.95 -3.94
CA ARG A 178 9.73 16.88 -2.97
C ARG A 178 9.37 15.57 -3.65
N HIS A 179 10.02 14.49 -3.21
CA HIS A 179 9.69 13.15 -3.68
C HIS A 179 8.63 12.62 -2.75
N LEU A 180 7.45 12.35 -3.30
CA LEU A 180 6.32 11.93 -2.48
C LEU A 180 5.95 10.48 -2.77
N THR A 181 5.49 9.78 -1.73
CA THR A 181 5.09 8.38 -1.81
C THR A 181 3.75 8.21 -1.07
N PRO A 182 2.96 7.19 -1.43
CA PRO A 182 1.65 7.05 -0.77
C PRO A 182 1.68 6.71 0.74
N THR A 183 2.80 6.16 1.22
CA THR A 183 2.96 5.90 2.67
C THR A 183 4.27 6.50 3.15
N GLY A 184 4.48 6.46 4.47
CA GLY A 184 5.73 6.94 5.06
C GLY A 184 5.74 8.44 5.18
N GLU A 185 6.93 9.03 5.19
CA GLU A 185 7.05 10.46 5.47
C GLU A 185 6.45 11.28 4.32
N ASP A 186 5.70 12.33 4.67
CA ASP A 186 5.07 13.20 3.67
C ASP A 186 3.87 12.58 2.91
N ALA A 187 3.35 11.45 3.41
CA ALA A 187 2.20 10.77 2.81
C ALA A 187 0.97 11.66 2.79
N GLU A 188 0.86 12.51 3.81
CA GLU A 188 -0.19 13.51 3.93
C GLU A 188 -0.19 14.49 2.74
N LEU A 189 0.99 14.96 2.36
CA LEU A 189 1.14 15.84 1.19
C LEU A 189 0.87 15.12 -0.13
N PHE A 190 1.24 13.84 -0.19
CA PHE A 190 0.97 13.03 -1.37
C PHE A 190 -0.55 13.02 -1.61
N TRP A 191 -1.28 12.64 -0.56
CA TRP A 191 -2.73 12.52 -0.62
C TRP A 191 -3.47 13.83 -0.76
N ALA A 192 -2.82 14.92 -0.42
CA ALA A 192 -3.36 16.25 -0.67
C ALA A 192 -3.15 16.65 -2.13
N THR A 193 -2.08 16.13 -2.74
CA THR A 193 -1.77 16.43 -4.14
C THR A 193 -2.68 15.65 -5.10
N VAL A 194 -2.94 14.39 -4.78
CA VAL A 194 -3.94 13.60 -5.51
C VAL A 194 -5.28 14.31 -5.29
N GLY A 195 -5.97 14.64 -6.37
CA GLY A 195 -7.23 15.39 -6.29
C GLY A 195 -7.07 16.85 -5.84
N GLY A 196 -5.82 17.31 -5.77
CA GLY A 196 -5.52 18.63 -5.22
C GLY A 196 -5.66 19.77 -6.19
N ASN A 197 -6.04 19.46 -7.43
CA ASN A 197 -6.23 20.47 -8.47
C ASN A 197 -5.06 21.45 -8.67
N GLY A 198 -3.84 20.93 -8.57
CA GLY A 198 -2.64 21.74 -8.76
C GLY A 198 -2.29 22.70 -7.63
N LEU A 199 -3.04 22.64 -6.53
CA LEU A 199 -2.90 23.65 -5.49
C LEU A 199 -1.88 23.33 -4.40
N THR A 200 -1.14 22.23 -4.54
CA THR A 200 -0.03 21.94 -3.63
C THR A 200 1.30 22.20 -4.31
N GLY A 201 1.25 22.48 -5.61
CA GLY A 201 2.46 22.71 -6.38
C GLY A 201 2.42 22.02 -7.71
N ILE A 202 3.56 21.92 -8.36
CA ILE A 202 3.64 21.40 -9.72
C ILE A 202 4.25 20.01 -9.72
N ILE A 203 3.45 19.03 -10.14
CA ILE A 203 3.92 17.67 -10.32
C ILE A 203 4.83 17.69 -11.55
N MET A 204 6.10 17.31 -11.35
CA MET A 204 7.09 17.34 -12.43
C MET A 204 7.22 15.97 -13.08
N ARG A 205 7.09 14.93 -12.24
CA ARG A 205 7.45 13.58 -12.65
C ARG A 205 6.74 12.62 -11.71
N ALA A 206 6.43 11.42 -12.20
CA ALA A 206 5.74 10.39 -11.41
C ALA A 206 6.10 8.98 -11.86
N THR A 207 6.01 8.04 -10.92
CA THR A 207 6.05 6.62 -11.22
C THR A 207 4.65 6.05 -11.05
N ILE A 208 4.15 5.39 -12.08
CA ILE A 208 2.83 4.75 -12.05
C ILE A 208 3.03 3.23 -12.13
N GLU A 209 2.33 2.49 -11.29
CA GLU A 209 2.26 1.05 -11.48
C GLU A 209 1.16 0.70 -12.46
N MET A 210 1.56 0.05 -13.54
CA MET A 210 0.64 -0.34 -14.63
C MET A 210 -0.03 -1.68 -14.35
N THR A 211 -1.09 -1.98 -15.12
CA THR A 211 -1.79 -3.25 -15.02
C THR A 211 -1.25 -4.18 -16.10
N PRO A 212 -0.89 -5.44 -15.72
CA PRO A 212 -0.42 -6.37 -16.77
C PRO A 212 -1.55 -6.75 -17.74
N THR A 213 -1.22 -6.91 -19.02
CA THR A 213 -2.18 -7.35 -20.02
C THR A 213 -1.46 -8.13 -21.11
N SER A 214 -2.11 -9.16 -21.63
CA SER A 214 -1.55 -9.90 -22.77
C SER A 214 -2.12 -9.43 -24.10
N THR A 215 -3.16 -8.59 -24.07
CA THR A 215 -3.74 -8.01 -25.29
C THR A 215 -4.19 -6.56 -25.10
N ALA A 216 -4.50 -5.90 -26.22
CA ALA A 216 -5.08 -4.56 -26.23
C ALA A 216 -6.59 -4.60 -26.45
N TYR A 217 -7.20 -5.76 -26.18
CA TYR A 217 -8.61 -5.98 -26.48
C TYR A 217 -9.42 -6.29 -25.23
N PHE A 218 -10.71 -5.98 -25.29
CA PHE A 218 -11.67 -6.33 -24.25
C PHE A 218 -12.61 -7.43 -24.72
N ILE A 219 -13.07 -8.23 -23.76
CA ILE A 219 -14.18 -9.16 -23.97
C ILE A 219 -15.38 -8.52 -23.29
N ALA A 220 -16.46 -8.30 -24.04
CA ALA A 220 -17.58 -7.50 -23.53
C ALA A 220 -18.96 -8.14 -23.60
N ASP A 221 -19.75 -7.90 -22.57
CA ASP A 221 -21.17 -8.26 -22.55
C ASP A 221 -21.98 -6.97 -22.59
N GLY A 222 -23.02 -6.96 -23.42
CA GLY A 222 -23.93 -5.82 -23.49
C GLY A 222 -25.31 -6.17 -22.99
N ASP A 223 -25.93 -5.25 -22.26
CA ASP A 223 -27.32 -5.41 -21.85
C ASP A 223 -28.09 -4.12 -22.00
N VAL A 224 -29.39 -4.24 -22.25
CA VAL A 224 -30.26 -3.09 -22.38
C VAL A 224 -31.41 -3.26 -21.39
N THR A 225 -31.68 -2.22 -20.62
CA THR A 225 -32.75 -2.24 -19.61
C THR A 225 -33.90 -1.37 -20.08
N ALA A 226 -35.08 -1.63 -19.55
CA ALA A 226 -36.31 -0.94 -19.93
C ALA A 226 -36.65 0.25 -19.03
N SER A 227 -36.05 0.32 -17.83
CA SER A 227 -36.41 1.34 -16.84
C SER A 227 -35.28 1.66 -15.88
N LEU A 228 -35.41 2.75 -15.13
CA LEU A 228 -34.45 3.12 -14.07
C LEU A 228 -34.34 2.01 -13.02
N ASP A 229 -35.48 1.49 -12.56
CA ASP A 229 -35.51 0.40 -11.59
C ASP A 229 -34.72 -0.82 -12.05
N GLU A 230 -34.85 -1.15 -13.33
CA GLU A 230 -34.16 -2.28 -13.92
C GLU A 230 -32.66 -2.00 -14.10
N THR A 231 -32.34 -0.74 -14.36
CA THR A 231 -30.93 -0.30 -14.41
C THR A 231 -30.28 -0.44 -13.04
N ILE A 232 -30.94 0.08 -12.00
CA ILE A 232 -30.45 -0.06 -10.62
C ILE A 232 -30.33 -1.53 -10.18
N ALA A 233 -31.35 -2.33 -10.49
CA ALA A 233 -31.36 -3.78 -10.21
C ALA A 233 -30.17 -4.50 -10.83
N LEU A 234 -29.87 -4.18 -12.09
CA LEU A 234 -28.75 -4.77 -12.81
C LEU A 234 -27.42 -4.46 -12.11
N HIS A 235 -27.30 -3.24 -11.59
CA HIS A 235 -26.09 -2.82 -10.89
C HIS A 235 -26.03 -3.26 -9.46
N SER A 236 -27.15 -3.70 -8.90
CA SER A 236 -27.23 -4.11 -7.49
C SER A 236 -27.34 -5.62 -7.27
N ASP A 237 -27.41 -6.40 -8.34
CA ASP A 237 -27.68 -7.85 -8.24
C ASP A 237 -26.43 -8.69 -8.05
N GLY A 238 -25.26 -8.05 -8.05
CA GLY A 238 -24.01 -8.76 -7.83
C GLY A 238 -23.19 -8.97 -9.09
N SER A 239 -23.81 -8.76 -10.25
CA SER A 239 -23.14 -9.00 -11.54
C SER A 239 -21.94 -8.08 -11.79
N GLU A 240 -21.91 -6.92 -11.13
CA GLU A 240 -20.78 -5.99 -11.25
C GLU A 240 -19.46 -6.61 -10.80
N ALA A 241 -19.55 -7.60 -9.91
CA ALA A 241 -18.37 -8.34 -9.43
C ALA A 241 -17.70 -9.18 -10.51
N ARG A 242 -18.43 -9.55 -11.56
CA ARG A 242 -17.90 -10.35 -12.67
C ARG A 242 -17.13 -9.54 -13.73
N TYR A 243 -17.21 -8.21 -13.68
CA TYR A 243 -16.58 -7.36 -14.69
C TYR A 243 -15.66 -6.33 -14.07
N THR A 244 -14.45 -6.22 -14.59
CA THR A 244 -13.53 -5.20 -14.14
C THR A 244 -13.91 -3.80 -14.67
N TYR A 245 -14.56 -3.76 -15.85
CA TYR A 245 -14.98 -2.51 -16.51
C TYR A 245 -16.49 -2.50 -16.70
N SER A 246 -17.12 -1.36 -16.41
CA SER A 246 -18.58 -1.22 -16.49
C SER A 246 -19.00 0.26 -16.58
N SER A 247 -19.80 0.58 -17.59
CA SER A 247 -20.52 1.85 -17.66
C SER A 247 -21.71 1.72 -18.60
N ALA A 248 -22.55 2.75 -18.61
CA ALA A 248 -23.79 2.72 -19.37
C ALA A 248 -24.18 4.11 -19.84
N TRP A 249 -24.83 4.17 -21.01
CA TRP A 249 -25.54 5.38 -21.42
CA TRP A 249 -25.55 5.38 -21.41
C TRP A 249 -26.94 5.22 -20.91
N PHE A 250 -27.54 6.30 -20.39
CA PHE A 250 -28.90 6.21 -19.91
C PHE A 250 -29.80 7.33 -20.41
N ASP A 251 -31.09 7.03 -20.43
CA ASP A 251 -32.11 7.94 -20.91
C ASP A 251 -32.52 8.87 -19.76
N ALA A 252 -32.25 10.17 -19.92
CA ALA A 252 -32.66 11.17 -18.93
C ALA A 252 -33.80 12.09 -19.42
N ILE A 253 -34.48 11.70 -20.50
CA ILE A 253 -35.49 12.55 -21.15
C ILE A 253 -36.88 11.94 -21.16
N SER A 254 -36.96 10.63 -21.40
CA SER A 254 -38.25 9.93 -21.37
C SER A 254 -38.88 10.05 -20.00
N ALA A 255 -40.21 10.02 -19.97
CA ALA A 255 -40.96 10.01 -18.73
C ALA A 255 -40.88 8.61 -18.13
N PRO A 256 -41.05 8.49 -16.80
CA PRO A 256 -41.10 7.16 -16.17
C PRO A 256 -42.22 6.32 -16.81
N PRO A 257 -42.03 4.98 -16.88
CA PRO A 257 -40.90 4.23 -16.36
C PRO A 257 -39.72 4.12 -17.34
N LYS A 258 -39.86 4.68 -18.55
CA LYS A 258 -38.76 4.66 -19.52
C LYS A 258 -37.56 5.43 -19.00
N LEU A 259 -37.82 6.51 -18.26
CA LEU A 259 -36.76 7.26 -17.58
C LEU A 259 -35.73 6.33 -16.94
N GLY A 260 -34.46 6.53 -17.26
CA GLY A 260 -33.37 5.80 -16.64
C GLY A 260 -33.08 4.42 -17.21
N ARG A 261 -33.79 4.03 -18.26
CA ARG A 261 -33.40 2.88 -19.06
C ARG A 261 -32.00 3.11 -19.62
N ALA A 262 -31.26 2.04 -19.88
CA ALA A 262 -29.83 2.19 -20.19
C ALA A 262 -29.31 1.14 -21.15
N ALA A 263 -28.23 1.48 -21.84
CA ALA A 263 -27.44 0.53 -22.60
C ALA A 263 -26.17 0.34 -21.78
N VAL A 264 -25.99 -0.87 -21.25
CA VAL A 264 -24.88 -1.20 -20.36
C VAL A 264 -23.83 -2.03 -21.08
N SER A 265 -22.59 -1.59 -20.97
CA SER A 265 -21.47 -2.28 -21.57
C SER A 265 -20.47 -2.65 -20.46
N ARG A 266 -20.20 -3.95 -20.31
CA ARG A 266 -19.34 -4.45 -19.24
C ARG A 266 -18.40 -5.52 -19.80
N GLY A 267 -17.18 -5.53 -19.28
CA GLY A 267 -16.17 -6.45 -19.78
C GLY A 267 -14.90 -6.51 -18.99
N ARG A 268 -13.91 -7.16 -19.59
CA ARG A 268 -12.58 -7.30 -19.02
CA ARG A 268 -12.58 -7.24 -19.02
C ARG A 268 -11.58 -7.39 -20.16
N LEU A 269 -10.32 -7.17 -19.86
CA LEU A 269 -9.26 -7.33 -20.85
C LEU A 269 -9.23 -8.77 -21.34
N ALA A 270 -9.09 -8.94 -22.65
CA ALA A 270 -9.01 -10.26 -23.25
C ALA A 270 -7.63 -10.86 -23.05
N THR A 271 -7.59 -12.20 -22.98
CA THR A 271 -6.34 -12.93 -23.10
C THR A 271 -6.13 -13.31 -24.56
N VAL A 272 -4.91 -13.73 -24.88
CA VAL A 272 -4.55 -14.01 -26.27
C VAL A 272 -5.47 -15.03 -26.96
N GLU A 273 -5.80 -16.11 -26.27
CA GLU A 273 -6.60 -17.18 -26.88
C GLU A 273 -8.08 -16.82 -27.10
N GLN A 274 -8.55 -15.75 -26.44
CA GLN A 274 -9.91 -15.25 -26.64
C GLN A 274 -10.01 -14.42 -27.91
N LEU A 275 -8.88 -14.07 -28.51
CA LEU A 275 -8.87 -13.30 -29.74
C LEU A 275 -9.16 -14.23 -30.92
N PRO A 276 -9.95 -13.75 -31.91
CA PRO A 276 -10.09 -14.47 -33.18
C PRO A 276 -8.71 -14.77 -33.74
N ALA A 277 -8.54 -15.97 -34.28
CA ALA A 277 -7.22 -16.44 -34.75
C ALA A 277 -6.46 -15.36 -35.53
N LYS A 278 -7.19 -14.61 -36.34
CA LYS A 278 -6.64 -13.55 -37.20
C LYS A 278 -5.92 -12.43 -36.44
N LEU A 279 -6.37 -12.14 -35.23
CA LEU A 279 -5.79 -11.08 -34.40
C LEU A 279 -4.73 -11.60 -33.43
N ARG A 280 -4.52 -12.91 -33.41
CA ARG A 280 -3.65 -13.54 -32.41
C ARG A 280 -2.16 -13.29 -32.58
N SER A 281 -1.72 -13.09 -33.82
CA SER A 281 -0.31 -12.83 -34.09
C SER A 281 0.14 -11.49 -33.52
N GLU A 282 -0.76 -10.52 -33.46
CA GLU A 282 -0.46 -9.18 -32.91
C GLU A 282 -1.42 -8.76 -31.79
N PRO A 283 -1.37 -9.46 -30.64
CA PRO A 283 -2.40 -9.22 -29.60
C PRO A 283 -2.33 -7.83 -28.98
N LEU A 284 -1.15 -7.22 -28.95
CA LEU A 284 -0.93 -5.95 -28.27
C LEU A 284 -0.95 -4.72 -29.19
N LYS A 285 -1.35 -4.89 -30.45
CA LYS A 285 -1.42 -3.77 -31.38
C LYS A 285 -2.69 -2.93 -31.20
N PHE A 286 -2.54 -1.61 -31.11
CA PHE A 286 -3.69 -0.71 -31.17
C PHE A 286 -3.93 -0.22 -32.60
N ASP A 287 -5.07 -0.56 -33.17
CA ASP A 287 -5.39 -0.21 -34.55
C ASP A 287 -5.75 1.28 -34.74
N ALA A 288 -5.63 1.77 -35.98
CA ALA A 288 -5.93 3.16 -36.33
C ALA A 288 -7.44 3.44 -36.25
N PRO A 289 -7.83 4.61 -35.70
CA PRO A 289 -9.25 4.99 -35.56
C PRO A 289 -9.98 5.20 -36.90
N GLY A 309 -34.56 7.54 -34.40
CA GLY A 309 -35.90 7.10 -34.81
C GLY A 309 -36.35 5.83 -34.11
N PRO A 310 -37.64 5.46 -34.27
CA PRO A 310 -38.20 4.24 -33.65
C PRO A 310 -37.56 2.97 -34.19
N ILE A 311 -37.10 3.01 -35.44
CA ILE A 311 -36.34 1.91 -36.04
C ILE A 311 -34.92 1.87 -35.46
N GLY A 312 -34.34 3.05 -35.22
CA GLY A 312 -33.03 3.17 -34.59
C GLY A 312 -33.00 2.52 -33.22
N GLU A 313 -34.11 2.62 -32.49
CA GLU A 313 -34.24 2.05 -31.15
C GLU A 313 -34.31 0.52 -31.13
N LEU A 314 -35.10 -0.06 -32.03
CA LEU A 314 -35.23 -1.52 -32.13
C LEU A 314 -33.89 -2.19 -32.40
N TRP A 315 -33.14 -1.64 -33.35
CA TRP A 315 -31.79 -2.11 -33.66
C TRP A 315 -30.87 -1.98 -32.48
N TYR A 316 -30.85 -0.79 -31.89
CA TYR A 316 -30.01 -0.47 -30.74
C TYR A 316 -30.33 -1.34 -29.52
N ARG A 317 -31.54 -1.90 -29.50
CA ARG A 317 -32.03 -2.64 -28.34
C ARG A 317 -31.77 -4.15 -28.42
N LYS A 318 -32.17 -4.77 -29.54
CA LYS A 318 -31.95 -6.21 -29.71
C LYS A 318 -30.47 -6.56 -29.97
N SER A 319 -29.76 -5.64 -30.61
CA SER A 319 -28.33 -5.81 -30.88
C SER A 319 -27.48 -5.21 -29.77
N GLY A 320 -28.13 -4.50 -28.85
CA GLY A 320 -27.45 -3.95 -27.67
C GLY A 320 -27.22 -5.00 -26.60
N THR A 321 -27.88 -6.16 -26.77
CA THR A 321 -27.68 -7.31 -25.92
C THR A 321 -26.74 -8.27 -26.65
N TYR A 322 -25.65 -8.67 -25.98
CA TYR A 322 -24.64 -9.55 -26.58
C TYR A 322 -23.69 -10.10 -25.50
N ARG A 323 -22.99 -11.17 -25.84
CA ARG A 323 -22.12 -11.83 -24.87
C ARG A 323 -20.79 -12.17 -25.51
N GLY A 324 -19.73 -11.99 -24.74
CA GLY A 324 -18.38 -12.34 -25.18
C GLY A 324 -17.95 -11.72 -26.49
N LYS A 325 -18.27 -10.44 -26.70
CA LYS A 325 -17.83 -9.75 -27.91
C LYS A 325 -16.42 -9.21 -27.70
N VAL A 326 -15.52 -9.59 -28.60
CA VAL A 326 -14.15 -9.07 -28.60
C VAL A 326 -14.16 -7.69 -29.25
N GLN A 327 -13.68 -6.70 -28.51
CA GLN A 327 -13.65 -5.31 -28.96
C GLN A 327 -12.30 -4.68 -28.67
N ASN A 328 -11.79 -3.89 -29.60
CA ASN A 328 -10.60 -3.08 -29.39
CA ASN A 328 -10.58 -3.10 -29.35
C ASN A 328 -10.93 -1.91 -28.46
N LEU A 329 -9.90 -1.23 -27.97
CA LEU A 329 -10.09 -0.12 -27.04
C LEU A 329 -11.06 0.94 -27.55
N THR A 330 -10.98 1.24 -28.84
CA THR A 330 -11.82 2.27 -29.44
C THR A 330 -13.33 1.92 -29.49
N GLN A 331 -13.66 0.70 -29.93
CA GLN A 331 -15.08 0.30 -29.97
C GLN A 331 -15.71 0.07 -28.58
N PHE A 332 -14.97 -0.53 -27.66
CA PHE A 332 -15.44 -0.76 -26.28
C PHE A 332 -15.55 0.52 -25.46
N TYR A 333 -14.71 1.51 -25.79
CA TYR A 333 -14.55 2.69 -24.92
C TYR A 333 -14.51 4.02 -25.67
N HIS A 334 -13.58 4.16 -26.62
CA HIS A 334 -13.26 5.46 -27.24
C HIS A 334 -13.71 5.63 -28.68
N PRO A 335 -15.01 5.91 -28.93
CA PRO A 335 -15.29 6.43 -30.28
C PRO A 335 -14.67 7.82 -30.47
N LEU A 336 -13.68 7.91 -31.36
CA LEU A 336 -12.88 9.13 -31.53
C LEU A 336 -12.32 9.27 -32.95
N ALA A 345 -11.95 16.37 -31.40
CA ALA A 345 -11.90 17.74 -31.87
C ALA A 345 -11.94 18.70 -30.67
N TYR A 346 -12.57 19.86 -30.85
CA TYR A 346 -12.79 20.79 -29.75
C TYR A 346 -14.27 20.86 -29.36
N GLY A 347 -14.54 20.80 -28.06
CA GLY A 347 -15.90 20.80 -27.52
C GLY A 347 -16.69 22.09 -27.73
N PRO A 348 -18.01 21.96 -27.99
CA PRO A 348 -18.92 23.10 -28.25
C PRO A 348 -19.03 24.06 -27.07
N ALA A 349 -19.55 25.27 -27.33
CA ALA A 349 -19.53 26.35 -26.34
C ALA A 349 -20.83 26.57 -25.55
N GLY A 350 -21.91 25.95 -25.98
CA GLY A 350 -23.23 26.19 -25.37
C GLY A 350 -23.75 25.05 -24.53
N PHE A 351 -22.87 24.43 -23.74
CA PHE A 351 -23.25 23.30 -22.91
C PHE A 351 -22.69 23.40 -21.48
N LEU A 352 -23.49 22.99 -20.51
CA LEU A 352 -23.04 22.83 -19.13
C LEU A 352 -22.91 21.35 -18.77
N GLN A 353 -21.69 20.96 -18.43
CA GLN A 353 -21.37 19.61 -17.98
C GLN A 353 -21.61 19.53 -16.47
N TYR A 354 -22.37 18.53 -16.04
CA TYR A 354 -22.69 18.35 -14.63
C TYR A 354 -22.48 16.89 -14.24
N GLN A 355 -21.62 16.65 -13.26
CA GLN A 355 -21.35 15.28 -12.80
C GLN A 355 -21.40 15.19 -11.27
N PHE A 356 -22.16 14.22 -10.77
CA PHE A 356 -22.30 14.04 -9.34
C PHE A 356 -22.37 12.55 -9.01
N VAL A 357 -22.08 12.22 -7.76
CA VAL A 357 -22.25 10.86 -7.25
C VAL A 357 -23.13 10.90 -5.99
N ILE A 358 -24.05 9.95 -5.88
CA ILE A 358 -24.89 9.77 -4.71
C ILE A 358 -24.52 8.46 -4.02
N PRO A 359 -24.35 8.47 -2.68
CA PRO A 359 -23.98 7.24 -1.97
C PRO A 359 -24.90 6.07 -2.33
N THR A 360 -24.32 4.87 -2.42
CA THR A 360 -25.03 3.65 -2.83
C THR A 360 -26.36 3.48 -2.10
N GLU A 361 -26.34 3.72 -0.79
CA GLU A 361 -27.50 3.53 0.10
C GLU A 361 -28.63 4.52 -0.15
N ALA A 362 -28.30 5.70 -0.70
CA ALA A 362 -29.29 6.72 -0.98
C ALA A 362 -29.91 6.52 -2.36
N VAL A 363 -30.36 5.30 -2.63
CA VAL A 363 -30.87 4.90 -3.95
C VAL A 363 -32.24 5.53 -4.29
N ASP A 364 -33.14 5.62 -3.31
CA ASP A 364 -34.40 6.34 -3.49
C ASP A 364 -34.15 7.81 -3.85
N GLU A 365 -33.16 8.40 -3.18
CA GLU A 365 -32.77 9.79 -3.38
C GLU A 365 -32.17 10.00 -4.77
N PHE A 366 -31.42 9.00 -5.24
CA PHE A 366 -30.85 9.03 -6.57
C PHE A 366 -31.96 9.00 -7.62
N LYS A 367 -32.94 8.14 -7.41
CA LYS A 367 -34.08 8.04 -8.33
C LYS A 367 -34.84 9.36 -8.41
N LYS A 368 -34.96 10.01 -7.26
CA LYS A 368 -35.64 11.31 -7.18
C LYS A 368 -34.89 12.39 -7.97
N ILE A 369 -33.56 12.42 -7.86
CA ILE A 369 -32.78 13.43 -8.60
C ILE A 369 -32.92 13.23 -10.11
N ILE A 370 -32.94 11.98 -10.55
CA ILE A 370 -33.14 11.68 -11.97
C ILE A 370 -34.52 12.17 -12.44
N GLY A 371 -35.55 11.88 -11.64
CA GLY A 371 -36.91 12.40 -11.87
C GLY A 371 -36.97 13.91 -11.98
N VAL A 372 -36.26 14.59 -11.07
CA VAL A 372 -36.14 16.04 -11.11
C VAL A 372 -35.50 16.53 -12.41
N ILE A 373 -34.47 15.83 -12.88
CA ILE A 373 -33.79 16.22 -14.10
C ILE A 373 -34.74 16.15 -15.31
N GLN A 374 -35.45 15.04 -15.45
CA GLN A 374 -36.28 14.87 -16.62
C GLN A 374 -37.53 15.78 -16.63
N ALA A 375 -38.02 16.15 -15.45
CA ALA A 375 -39.19 17.02 -15.34
C ALA A 375 -38.80 18.50 -15.36
N SER A 376 -37.52 18.78 -15.57
CA SER A 376 -37.00 20.15 -15.48
C SER A 376 -37.18 20.99 -16.75
N GLY A 377 -37.39 20.33 -17.88
CA GLY A 377 -37.41 21.03 -19.15
C GLY A 377 -36.02 21.36 -19.64
N HIS A 378 -35.02 20.73 -19.03
CA HIS A 378 -33.65 20.76 -19.54
C HIS A 378 -33.32 19.37 -20.02
N TYR A 379 -32.89 19.26 -21.27
CA TYR A 379 -32.75 17.95 -21.91
C TYR A 379 -31.31 17.55 -22.13
N SER A 380 -30.93 16.38 -21.63
CA SER A 380 -29.59 15.86 -21.83
C SER A 380 -29.60 14.52 -22.54
N PHE A 381 -28.90 14.46 -23.66
CA PHE A 381 -28.80 13.23 -24.47
C PHE A 381 -27.55 12.42 -24.14
N LEU A 382 -26.45 13.11 -23.83
CA LEU A 382 -25.19 12.44 -23.50
C LEU A 382 -25.06 12.20 -22.00
N ASN A 383 -25.40 10.99 -21.57
CA ASN A 383 -25.52 10.68 -20.15
C ASN A 383 -24.76 9.40 -19.77
N VAL A 384 -23.73 9.55 -18.94
CA VAL A 384 -22.96 8.39 -18.49
C VAL A 384 -23.39 7.98 -17.09
N PHE A 385 -23.44 6.68 -16.86
CA PHE A 385 -23.88 6.14 -15.60
C PHE A 385 -22.94 5.01 -15.22
N LYS A 386 -22.49 5.03 -13.97
CA LYS A 386 -21.64 3.99 -13.46
C LYS A 386 -21.82 3.89 -11.94
N LEU A 387 -21.63 2.67 -11.41
CA LEU A 387 -21.56 2.46 -9.97
C LEU A 387 -20.09 2.45 -9.54
N PHE A 388 -19.71 3.46 -8.76
CA PHE A 388 -18.35 3.57 -8.21
C PHE A 388 -18.15 2.53 -7.11
N GLY A 389 -16.89 2.11 -6.93
CA GLY A 389 -16.50 1.29 -5.78
C GLY A 389 -15.92 2.16 -4.66
N PRO A 390 -15.13 1.54 -3.76
CA PRO A 390 -14.53 2.20 -2.60
C PRO A 390 -13.71 3.44 -2.95
N ARG A 391 -13.75 4.42 -2.05
CA ARG A 391 -12.98 5.63 -2.23
C ARG A 391 -11.54 5.40 -1.78
N ASN A 392 -10.66 6.36 -2.05
CA ASN A 392 -9.30 6.30 -1.54
C ASN A 392 -9.11 7.31 -0.42
N GLN A 393 -7.88 7.52 0.02
CA GLN A 393 -7.67 8.37 1.19
C GLN A 393 -7.41 9.85 0.86
N ALA A 394 -7.49 10.24 -0.42
CA ALA A 394 -7.31 11.65 -0.76
C ALA A 394 -8.49 12.49 -0.25
N PRO A 395 -8.22 13.50 0.61
CA PRO A 395 -9.31 14.31 1.16
C PRO A 395 -10.26 14.92 0.11
N LEU A 396 -9.73 15.34 -1.03
CA LEU A 396 -10.57 16.00 -2.03
C LEU A 396 -10.93 15.11 -3.21
N SER A 397 -10.67 13.81 -3.09
CA SER A 397 -11.02 12.84 -4.13
C SER A 397 -12.54 12.83 -4.40
N PHE A 398 -12.93 12.96 -5.66
CA PHE A 398 -14.34 12.94 -6.04
C PHE A 398 -15.08 11.61 -5.76
N PRO A 399 -14.54 10.48 -6.27
CA PRO A 399 -15.36 9.26 -6.18
C PRO A 399 -15.59 8.77 -4.76
N ILE A 400 -16.85 8.42 -4.47
CA ILE A 400 -17.24 7.62 -3.30
C ILE A 400 -18.09 6.45 -3.81
N PRO A 401 -18.27 5.36 -3.02
CA PRO A 401 -19.13 4.31 -3.57
C PRO A 401 -20.53 4.85 -3.79
N GLY A 402 -21.10 4.57 -4.96
CA GLY A 402 -22.42 5.09 -5.27
C GLY A 402 -22.68 5.38 -6.73
N TRP A 403 -23.79 6.07 -6.97
CA TRP A 403 -24.39 6.27 -8.29
C TRP A 403 -23.84 7.50 -8.95
N ASN A 404 -22.99 7.28 -9.95
CA ASN A 404 -22.30 8.36 -10.61
C ASN A 404 -22.97 8.67 -11.95
N ILE A 405 -23.22 9.95 -12.17
CA ILE A 405 -23.93 10.44 -13.34
C ILE A 405 -23.24 11.67 -13.89
N CYS A 406 -23.04 11.68 -15.21
CA CYS A 406 -22.67 12.91 -15.92
CA CYS A 406 -22.70 12.92 -15.89
C CYS A 406 -23.74 13.21 -16.96
N VAL A 407 -24.27 14.43 -16.90
CA VAL A 407 -25.26 14.91 -17.84
C VAL A 407 -24.69 16.17 -18.49
N ASP A 408 -25.22 16.49 -19.66
CA ASP A 408 -24.73 17.61 -20.44
C ASP A 408 -25.91 18.47 -20.89
N PHE A 409 -26.04 19.66 -20.31
CA PHE A 409 -27.18 20.53 -20.60
C PHE A 409 -26.82 21.67 -21.55
N PRO A 410 -27.61 21.84 -22.64
CA PRO A 410 -27.47 23.05 -23.44
C PRO A 410 -27.85 24.29 -22.63
N ILE A 411 -27.02 25.32 -22.74
CA ILE A 411 -27.23 26.56 -21.99
C ILE A 411 -28.50 27.29 -22.48
N LYS A 412 -29.48 27.34 -21.59
CA LYS A 412 -30.81 27.95 -21.79
C LYS A 412 -31.09 28.82 -20.58
N ASP A 413 -32.10 29.68 -20.69
CA ASP A 413 -32.57 30.46 -19.55
C ASP A 413 -33.01 29.54 -18.42
N GLY A 414 -32.57 29.85 -17.21
CA GLY A 414 -33.00 29.12 -16.02
C GLY A 414 -32.10 27.95 -15.64
N LEU A 415 -31.10 27.66 -16.47
CA LEU A 415 -30.20 26.54 -16.23
C LEU A 415 -29.37 26.74 -14.96
N GLY A 416 -28.75 27.91 -14.82
CA GLY A 416 -27.88 28.20 -13.69
C GLY A 416 -28.59 27.99 -12.37
N LYS A 417 -29.78 28.55 -12.26
CA LYS A 417 -30.56 28.43 -11.02
C LYS A 417 -31.06 27.00 -10.81
N PHE A 418 -31.40 26.30 -11.89
CA PHE A 418 -31.79 24.88 -11.78
C PHE A 418 -30.66 23.99 -11.23
N VAL A 419 -29.44 24.13 -11.79
CA VAL A 419 -28.30 23.31 -11.31
C VAL A 419 -27.90 23.66 -9.87
N SER A 420 -28.21 24.88 -9.43
CA SER A 420 -28.08 25.24 -8.02
C SER A 420 -29.01 24.40 -7.17
N GLU A 421 -30.22 24.14 -7.68
CA GLU A 421 -31.15 23.27 -6.98
C GLU A 421 -30.67 21.82 -6.99
N LEU A 422 -30.04 21.39 -8.09
CA LEU A 422 -29.41 20.08 -8.13
C LEU A 422 -28.31 19.95 -7.08
N ASP A 423 -27.48 20.99 -6.97
CA ASP A 423 -26.41 21.07 -5.97
C ASP A 423 -26.95 20.78 -4.58
N ARG A 424 -28.01 21.50 -4.23
CA ARG A 424 -28.73 21.36 -2.97
C ARG A 424 -29.17 19.92 -2.70
N ARG A 425 -29.73 19.27 -3.73
CA ARG A 425 -30.18 17.90 -3.62
C ARG A 425 -29.02 16.91 -3.45
N VAL A 426 -28.01 17.03 -4.31
CA VAL A 426 -26.81 16.22 -4.23
C VAL A 426 -26.20 16.30 -2.82
N LEU A 427 -26.01 17.54 -2.35
CA LEU A 427 -25.47 17.79 -1.02
C LEU A 427 -26.31 17.13 0.07
N GLU A 428 -27.61 17.38 0.05
CA GLU A 428 -28.56 16.86 1.03
C GLU A 428 -28.48 15.34 1.15
N PHE A 429 -28.25 14.67 0.03
CA PHE A 429 -28.29 13.22 -0.01
C PHE A 429 -26.93 12.57 0.18
N GLY A 430 -25.95 13.38 0.60
CA GLY A 430 -24.61 12.88 0.95
C GLY A 430 -23.64 12.79 -0.21
N GLY A 431 -24.04 13.30 -1.37
CA GLY A 431 -23.18 13.22 -2.54
C GLY A 431 -22.30 14.44 -2.73
N ARG A 432 -21.66 14.50 -3.90
CA ARG A 432 -20.81 15.61 -4.23
C ARG A 432 -20.71 15.75 -5.74
N LEU A 433 -20.26 16.91 -6.19
CA LEU A 433 -19.95 17.09 -7.58
C LEU A 433 -18.42 17.07 -7.80
N TYR A 434 -18.04 16.96 -9.07
CA TYR A 434 -16.66 16.76 -9.50
C TYR A 434 -16.05 18.07 -9.96
N THR A 435 -14.93 18.48 -9.35
CA THR A 435 -14.23 19.73 -9.71
C THR A 435 -13.85 19.81 -11.19
N ALA A 436 -13.43 18.70 -11.77
CA ALA A 436 -13.00 18.67 -13.16
C ALA A 436 -14.11 19.10 -14.13
N LYS A 437 -15.36 19.04 -13.68
CA LYS A 437 -16.51 19.38 -14.52
C LYS A 437 -17.19 20.67 -14.12
N ASP A 438 -16.71 21.30 -13.05
CA ASP A 438 -17.43 22.41 -12.43
C ASP A 438 -16.81 23.78 -12.69
N SER A 439 -17.65 24.76 -12.95
CA SER A 439 -17.19 26.14 -13.01
C SER A 439 -18.16 27.12 -12.32
N ARG A 440 -19.19 26.59 -11.65
CA ARG A 440 -20.26 27.46 -11.14
C ARG A 440 -20.84 27.16 -9.75
N THR A 441 -20.37 26.13 -9.05
CA THR A 441 -20.86 25.91 -7.69
C THR A 441 -20.19 26.90 -6.71
N THR A 442 -20.73 26.99 -5.50
CA THR A 442 -20.25 27.98 -4.51
C THR A 442 -19.30 27.35 -3.50
N ALA A 443 -18.54 28.19 -2.80
CA ALA A 443 -17.65 27.73 -1.74
C ALA A 443 -18.42 26.99 -0.66
N GLU A 444 -19.61 27.50 -0.32
CA GLU A 444 -20.41 26.92 0.76
C GLU A 444 -20.82 25.49 0.43
N THR A 445 -21.39 25.29 -0.75
CA THR A 445 -21.83 23.99 -1.22
C THR A 445 -20.66 23.01 -1.29
N PHE A 446 -19.53 23.48 -1.80
CA PHE A 446 -18.36 22.61 -2.00
C PHE A 446 -17.78 22.12 -0.68
N HIS A 447 -17.58 23.03 0.27
CA HIS A 447 -17.03 22.68 1.58
C HIS A 447 -17.90 21.69 2.28
N ALA A 448 -19.21 21.82 2.11
CA ALA A 448 -20.15 20.89 2.73
C ALA A 448 -20.14 19.53 2.04
N MET A 449 -19.91 19.52 0.72
CA MET A 449 -19.82 18.28 -0.04
C MET A 449 -18.53 17.50 0.29
N TYR A 450 -17.52 18.21 0.74
CA TYR A 450 -16.24 17.60 1.05
C TYR A 450 -15.89 17.75 2.53
N PRO A 451 -16.33 16.79 3.37
CA PRO A 451 -16.14 16.89 4.83
C PRO A 451 -14.68 16.98 5.27
N ARG A 452 -13.75 16.58 4.42
CA ARG A 452 -12.33 16.62 4.76
C ARG A 452 -11.63 17.84 4.14
N VAL A 453 -12.41 18.83 3.72
CA VAL A 453 -11.86 20.04 3.10
C VAL A 453 -10.94 20.82 4.05
N ASP A 454 -11.32 20.91 5.32
CA ASP A 454 -10.50 21.61 6.33
C ASP A 454 -9.17 20.91 6.56
N GLU A 455 -9.22 19.58 6.64
CA GLU A 455 -8.01 18.76 6.67
C GLU A 455 -7.08 19.05 5.47
N TRP A 456 -7.68 19.19 4.29
CA TRP A 456 -6.91 19.43 3.07
C TRP A 456 -6.34 20.83 3.02
N ILE A 457 -7.15 21.83 3.40
CA ILE A 457 -6.72 23.22 3.47
C ILE A 457 -5.54 23.39 4.45
N SER A 458 -5.63 22.66 5.57
CA SER A 458 -4.57 22.63 6.58
C SER A 458 -3.24 22.17 5.98
N VAL A 459 -3.29 21.17 5.11
CA VAL A 459 -2.07 20.67 4.44
C VAL A 459 -1.57 21.70 3.44
N ARG A 460 -2.50 22.32 2.72
CA ARG A 460 -2.19 23.27 1.67
C ARG A 460 -1.47 24.50 2.22
N ARG A 461 -1.92 24.96 3.39
CA ARG A 461 -1.33 26.13 4.03
C ARG A 461 0.08 25.86 4.57
N LYS A 462 0.33 24.62 4.98
CA LYS A 462 1.67 24.21 5.43
C LYS A 462 2.67 24.19 4.27
N VAL A 463 2.23 23.71 3.11
CA VAL A 463 3.11 23.58 1.94
C VAL A 463 3.13 24.86 1.09
N ASP A 464 2.13 25.72 1.25
CA ASP A 464 2.06 26.96 0.47
C ASP A 464 1.47 28.13 1.28
N PRO A 465 2.21 28.63 2.29
CA PRO A 465 1.71 29.69 3.18
C PRO A 465 1.46 31.02 2.45
N LEU A 466 2.30 31.34 1.46
CA LEU A 466 2.20 32.61 0.75
C LEU A 466 1.26 32.56 -0.45
N ARG A 467 0.58 31.44 -0.62
CA ARG A 467 -0.34 31.21 -1.75
C ARG A 467 0.31 31.43 -3.11
N VAL A 468 1.51 30.88 -3.28
CA VAL A 468 2.20 30.91 -4.57
C VAL A 468 1.41 30.17 -5.65
N PHE A 469 0.65 29.15 -5.22
CA PHE A 469 -0.21 28.41 -6.13
C PHE A 469 -1.66 28.82 -5.97
N ALA A 470 -2.28 29.19 -7.09
CA ALA A 470 -3.63 29.77 -7.11
C ALA A 470 -4.27 29.65 -8.48
N SER A 471 -5.59 29.52 -8.50
CA SER A 471 -6.35 29.39 -9.74
C SER A 471 -7.70 30.08 -9.56
N ASP A 472 -8.46 30.20 -10.65
CA ASP A 472 -9.81 30.76 -10.57
C ASP A 472 -10.70 29.88 -9.70
N MET A 473 -10.57 28.56 -9.83
CA MET A 473 -11.32 27.64 -8.97
C MET A 473 -11.00 27.83 -7.49
N ALA A 474 -9.71 28.01 -7.19
CA ALA A 474 -9.26 28.11 -5.81
C ALA A 474 -9.92 29.28 -5.10
N ARG A 475 -10.06 30.39 -5.83
CA ARG A 475 -10.65 31.60 -5.27
C ARG A 475 -12.17 31.46 -5.14
N ARG A 476 -12.80 30.99 -6.21
CA ARG A 476 -14.23 30.73 -6.22
C ARG A 476 -14.66 29.78 -5.08
N LEU A 477 -13.92 28.69 -4.89
CA LEU A 477 -14.32 27.69 -3.89
C LEU A 477 -13.66 27.90 -2.53
N GLU A 478 -12.98 29.04 -2.36
CA GLU A 478 -12.26 29.39 -1.11
C GLU A 478 -11.38 28.22 -0.62
N LEU A 479 -10.48 27.79 -1.48
CA LEU A 479 -9.52 26.77 -1.15
C LEU A 479 -8.14 27.40 -1.04
N LEU A 480 -8.09 28.68 -1.41
CA LEU A 480 -6.85 29.46 -1.52
C LEU A 480 -6.09 29.52 -0.19
N THR B 26 30.97 10.54 4.92
CA THR B 26 30.93 9.11 5.38
C THR B 26 29.55 8.49 5.27
N THR B 27 28.48 9.27 5.47
CA THR B 27 27.12 8.72 5.34
C THR B 27 26.50 8.98 3.97
N THR B 28 25.55 8.13 3.60
CA THR B 28 24.75 8.30 2.38
C THR B 28 23.27 8.43 2.75
N ALA B 29 22.61 9.46 2.22
CA ALA B 29 21.17 9.64 2.37
C ALA B 29 20.45 8.58 1.54
N THR B 30 19.63 7.78 2.20
CA THR B 30 19.00 6.61 1.57
C THR B 30 17.54 6.51 2.02
N ARG B 31 16.65 6.29 1.05
CA ARG B 31 15.26 6.02 1.36
C ARG B 31 15.15 4.55 1.75
N LEU B 32 14.66 4.32 2.96
CA LEU B 32 14.63 2.98 3.52
C LEU B 32 13.22 2.49 3.76
N THR B 33 13.01 1.19 3.52
CA THR B 33 11.82 0.51 3.96
C THR B 33 12.24 -0.80 4.62
N GLY B 34 11.34 -1.39 5.41
CA GLY B 34 11.50 -2.78 5.79
C GLY B 34 11.20 -3.69 4.60
N TRP B 35 11.07 -4.98 4.89
CA TRP B 35 10.91 -5.99 3.85
C TRP B 35 9.59 -5.84 3.14
N GLY B 36 8.60 -5.28 3.84
CA GLY B 36 7.28 -5.02 3.28
C GLY B 36 7.25 -3.93 2.20
N ARG B 37 8.38 -3.24 2.00
CA ARG B 37 8.52 -2.24 0.94
C ARG B 37 7.55 -1.07 1.14
N THR B 38 7.19 -0.79 2.38
CA THR B 38 6.21 0.25 2.70
C THR B 38 6.73 1.22 3.75
N ALA B 39 6.04 2.36 3.90
CA ALA B 39 6.40 3.42 4.86
C ALA B 39 7.87 3.87 4.78
N PRO B 40 8.29 4.36 3.60
CA PRO B 40 9.67 4.83 3.46
C PRO B 40 9.99 6.07 4.28
N SER B 41 11.25 6.16 4.72
CA SER B 41 11.80 7.40 5.27
C SER B 41 13.29 7.50 4.93
N VAL B 42 13.74 8.71 4.64
CA VAL B 42 15.14 8.96 4.25
C VAL B 42 15.97 9.17 5.51
N ALA B 43 17.11 8.48 5.58
CA ALA B 43 18.05 8.67 6.68
C ALA B 43 19.47 8.73 6.16
N ASN B 44 20.40 9.12 7.02
CA ASN B 44 21.80 8.99 6.67
C ASN B 44 22.34 7.64 7.12
N VAL B 45 22.92 6.92 6.16
CA VAL B 45 23.34 5.54 6.38
C VAL B 45 24.86 5.47 6.45
N LEU B 46 25.36 5.19 7.65
CA LEU B 46 26.76 4.86 7.82
C LEU B 46 26.94 3.37 7.52
N ARG B 47 27.85 3.06 6.60
CA ARG B 47 28.19 1.67 6.29
C ARG B 47 29.71 1.48 6.33
N THR B 48 30.21 0.99 7.47
CA THR B 48 31.65 0.79 7.68
C THR B 48 31.96 -0.50 8.43
N PRO B 49 33.03 -1.22 8.03
CA PRO B 49 33.48 -2.38 8.82
C PRO B 49 34.28 -1.96 10.05
N ASP B 50 34.56 -0.66 10.17
CA ASP B 50 35.43 -0.15 11.22
C ASP B 50 34.63 0.14 12.49
N ALA B 51 34.78 -0.75 13.47
CA ALA B 51 34.04 -0.65 14.75
C ALA B 51 34.26 0.67 15.46
N GLU B 52 35.48 1.19 15.41
CA GLU B 52 35.80 2.48 16.02
C GLU B 52 35.00 3.65 15.44
N MET B 53 34.78 3.63 14.13
CA MET B 53 33.98 4.68 13.49
C MET B 53 32.51 4.63 13.88
N ILE B 54 31.99 3.42 14.11
CA ILE B 54 30.64 3.24 14.65
C ILE B 54 30.54 3.89 16.04
N VAL B 55 31.55 3.67 16.88
CA VAL B 55 31.61 4.29 18.21
C VAL B 55 31.64 5.83 18.08
N LYS B 56 32.44 6.33 17.15
CA LYS B 56 32.53 7.77 16.92
C LYS B 56 31.21 8.39 16.43
N ALA B 57 30.54 7.68 15.52
CA ALA B 57 29.26 8.13 14.99
C ALA B 57 28.24 8.29 16.11
N VAL B 58 28.23 7.33 17.03
CA VAL B 58 27.34 7.38 18.19
C VAL B 58 27.68 8.58 19.08
N ALA B 59 28.98 8.77 19.34
CA ALA B 59 29.47 9.90 20.13
C ALA B 59 29.00 11.24 19.55
N ARG B 60 29.15 11.38 18.23
CA ARG B 60 28.75 12.60 17.54
C ARG B 60 27.26 12.90 17.72
N VAL B 61 26.42 11.87 17.61
CA VAL B 61 24.97 12.02 17.80
C VAL B 61 24.65 12.47 19.24
N ALA B 62 25.28 11.82 20.22
CA ALA B 62 25.11 12.19 21.63
C ALA B 62 25.56 13.63 21.88
N GLU B 63 26.73 13.96 21.33
CA GLU B 63 27.31 15.30 21.37
C GLU B 63 26.35 16.37 20.82
N SER B 64 25.56 16.01 19.81
CA SER B 64 24.54 16.91 19.25
C SER B 64 23.28 17.00 20.11
N GLY B 65 23.31 16.36 21.27
CA GLY B 65 22.20 16.38 22.23
C GLY B 65 21.02 15.54 21.82
N GLY B 66 21.29 14.42 21.14
CA GLY B 66 20.25 13.49 20.71
C GLY B 66 19.75 13.73 19.30
N GLY B 67 19.07 14.85 19.08
CA GLY B 67 18.48 15.20 17.79
C GLY B 67 17.53 14.13 17.29
N ARG B 68 17.74 13.66 16.06
CA ARG B 68 16.93 12.57 15.51
C ARG B 68 17.49 11.16 15.81
N GLY B 69 18.58 11.10 16.57
CA GLY B 69 19.11 9.84 17.07
C GLY B 69 19.71 8.91 16.03
N ALA B 70 19.86 7.65 16.41
CA ALA B 70 20.49 6.64 15.56
C ALA B 70 19.92 5.26 15.83
N ILE B 71 19.89 4.43 14.79
CA ILE B 71 19.40 3.06 14.93
C ILE B 71 20.27 2.12 14.10
N ALA B 72 20.51 0.92 14.64
CA ALA B 72 21.23 -0.13 13.94
C ALA B 72 20.32 -0.76 12.90
N ARG B 73 20.92 -1.18 11.79
CA ARG B 73 20.20 -1.90 10.74
C ARG B 73 20.97 -3.18 10.42
N GLY B 74 20.27 -4.30 10.33
CA GLY B 74 20.86 -5.55 9.84
C GLY B 74 20.59 -5.71 8.36
N LEU B 75 20.00 -6.85 7.99
CA LEU B 75 19.72 -7.16 6.60
C LEU B 75 18.36 -6.69 6.09
N GLY B 76 17.63 -5.94 6.92
CA GLY B 76 16.36 -5.33 6.51
C GLY B 76 15.21 -6.31 6.34
N ARG B 77 15.27 -7.44 7.03
CA ARG B 77 14.24 -8.47 6.89
C ARG B 77 13.01 -8.26 7.78
N SER B 78 13.08 -7.34 8.74
CA SER B 78 11.86 -6.90 9.44
C SER B 78 10.95 -6.26 8.41
N TYR B 79 9.67 -6.60 8.49
CA TYR B 79 8.70 -6.10 7.50
C TYR B 79 8.38 -4.62 7.67
N GLY B 80 8.40 -4.14 8.91
CA GLY B 80 8.04 -2.76 9.23
C GLY B 80 9.20 -1.77 9.40
N ASP B 81 9.08 -0.89 10.39
CA ASP B 81 9.90 0.34 10.46
C ASP B 81 10.84 0.44 11.67
N ASN B 82 11.23 -0.69 12.25
CA ASN B 82 12.15 -0.66 13.40
C ASN B 82 13.62 -0.46 13.04
N ALA B 83 13.98 -0.70 11.77
CA ALA B 83 15.37 -0.53 11.30
C ALA B 83 15.60 0.70 10.40
N GLN B 84 14.72 1.69 10.52
CA GLN B 84 14.88 2.94 9.80
C GLN B 84 14.67 4.09 10.78
N ASN B 85 15.15 5.27 10.41
CA ASN B 85 15.14 6.43 11.29
C ASN B 85 15.07 7.73 10.51
N GLY B 86 13.85 8.16 10.17
CA GLY B 86 13.65 9.32 9.31
C GLY B 86 14.37 10.56 9.82
N GLY B 87 15.20 11.15 8.97
CA GLY B 87 15.92 12.37 9.33
C GLY B 87 17.02 12.18 10.36
N GLY B 88 17.30 10.92 10.72
CA GLY B 88 18.36 10.62 11.68
C GLY B 88 19.47 9.77 11.11
N LEU B 89 20.20 9.08 11.99
CA LEU B 89 21.27 8.19 11.56
C LEU B 89 20.84 6.73 11.59
N VAL B 90 21.20 6.00 10.54
CA VAL B 90 21.06 4.55 10.51
C VAL B 90 22.43 3.92 10.32
N ILE B 91 22.77 2.98 11.20
CA ILE B 91 24.05 2.29 11.07
C ILE B 91 23.87 0.88 10.52
N ASP B 92 24.40 0.69 9.31
CA ASP B 92 24.34 -0.59 8.62
C ASP B 92 25.41 -1.52 9.20
N MET B 93 24.96 -2.57 9.88
CA MET B 93 25.84 -3.43 10.66
C MET B 93 26.45 -4.58 9.86
N THR B 94 25.92 -4.83 8.67
CA THR B 94 26.37 -5.96 7.84
C THR B 94 27.88 -6.05 7.49
N PRO B 95 28.61 -4.91 7.41
CA PRO B 95 30.06 -5.03 7.19
C PRO B 95 30.80 -5.55 8.42
N LEU B 96 30.15 -5.50 9.57
CA LEU B 96 30.73 -6.04 10.80
C LEU B 96 30.40 -7.53 10.91
N ASN B 97 31.07 -8.37 10.12
CA ASN B 97 30.66 -9.76 9.96
C ASN B 97 31.75 -10.82 10.23
N THR B 98 32.61 -10.55 11.19
CA THR B 98 33.69 -11.49 11.54
C THR B 98 33.18 -12.60 12.43
N ILE B 99 33.53 -13.83 12.09
CA ILE B 99 33.39 -14.93 13.03
C ILE B 99 34.71 -15.03 13.79
N HIS B 100 34.67 -14.73 15.08
CA HIS B 100 35.90 -14.66 15.90
C HIS B 100 36.37 -16.02 16.31
N SER B 101 35.44 -16.89 16.71
CA SER B 101 35.78 -18.25 17.09
C SER B 101 34.56 -19.14 17.14
N ILE B 102 34.79 -20.42 16.86
CA ILE B 102 33.82 -21.47 17.10
C ILE B 102 34.52 -22.60 17.86
N ASP B 103 33.86 -23.13 18.89
CA ASP B 103 34.46 -24.12 19.77
C ASP B 103 33.48 -25.28 19.96
N ALA B 104 33.84 -26.45 19.43
CA ALA B 104 32.96 -27.63 19.50
C ALA B 104 32.83 -28.22 20.92
N ASP B 105 33.82 -27.98 21.77
CA ASP B 105 33.79 -28.55 23.12
C ASP B 105 32.84 -27.77 24.01
N THR B 106 32.93 -26.44 23.96
CA THR B 106 32.06 -25.56 24.73
C THR B 106 30.74 -25.22 24.02
N LYS B 107 30.66 -25.52 22.72
CA LYS B 107 29.49 -25.25 21.89
C LYS B 107 29.24 -23.76 21.69
N LEU B 108 30.25 -22.93 21.93
CA LEU B 108 30.10 -21.48 21.83
C LEU B 108 30.63 -20.92 20.52
N VAL B 109 29.87 -20.00 19.92
CA VAL B 109 30.36 -19.21 18.80
C VAL B 109 30.49 -17.74 19.24
N ASP B 110 31.58 -17.08 18.83
CA ASP B 110 31.80 -15.67 19.18
C ASP B 110 31.84 -14.91 17.86
N ILE B 111 30.84 -14.05 17.64
CA ILE B 111 30.69 -13.41 16.32
C ILE B 111 30.27 -11.95 16.41
N ASP B 112 30.68 -11.17 15.42
CA ASP B 112 30.21 -9.80 15.24
C ASP B 112 28.71 -9.84 14.98
N ALA B 113 28.01 -8.76 15.32
CA ALA B 113 26.55 -8.74 15.20
C ALA B 113 26.05 -8.69 13.75
N GLY B 114 26.93 -8.37 12.81
CA GLY B 114 26.58 -8.33 11.38
C GLY B 114 26.65 -9.69 10.70
N VAL B 115 27.16 -10.70 11.40
CA VAL B 115 27.18 -12.06 10.90
C VAL B 115 25.73 -12.52 10.72
N ASN B 116 25.43 -13.08 9.55
CA ASN B 116 24.07 -13.59 9.32
C ASN B 116 23.98 -15.07 9.61
N LEU B 117 22.74 -15.57 9.75
CA LEU B 117 22.50 -16.93 10.18
C LEU B 117 22.87 -17.96 9.16
N ASP B 118 22.81 -17.59 7.88
CA ASP B 118 23.26 -18.46 6.80
C ASP B 118 24.78 -18.66 6.86
N GLN B 119 25.50 -17.56 7.03
CA GLN B 119 26.94 -17.58 7.21
C GLN B 119 27.30 -18.39 8.46
N LEU B 120 26.62 -18.12 9.57
CA LEU B 120 26.85 -18.85 10.82
C LEU B 120 26.59 -20.36 10.69
N MET B 121 25.44 -20.73 10.11
CA MET B 121 25.10 -22.13 9.93
C MET B 121 26.18 -22.89 9.15
N LYS B 122 26.61 -22.32 8.02
CA LYS B 122 27.63 -22.96 7.19
C LYS B 122 28.99 -23.06 7.90
N ALA B 123 29.30 -22.06 8.72
CA ALA B 123 30.58 -22.07 9.43
C ALA B 123 30.61 -23.06 10.60
N ALA B 124 29.48 -23.25 11.27
CA ALA B 124 29.42 -24.10 12.48
C ALA B 124 29.19 -25.58 12.21
N LEU B 125 28.60 -25.89 11.05
CA LEU B 125 28.25 -27.27 10.72
C LEU B 125 29.43 -28.27 10.79
N PRO B 126 30.62 -27.90 10.27
CA PRO B 126 31.77 -28.81 10.39
C PRO B 126 32.24 -29.08 11.83
N PHE B 127 31.84 -28.22 12.77
CA PHE B 127 32.13 -28.46 14.19
C PHE B 127 31.04 -29.33 14.83
N GLY B 128 30.09 -29.80 14.03
CA GLY B 128 28.92 -30.49 14.60
C GLY B 128 28.04 -29.57 15.44
N LEU B 129 27.94 -28.31 15.03
CA LEU B 129 27.15 -27.33 15.76
C LEU B 129 25.99 -26.79 14.90
N TRP B 130 24.86 -26.51 15.55
CA TRP B 130 23.64 -26.11 14.87
C TRP B 130 23.13 -24.83 15.51
N VAL B 131 22.74 -23.87 14.66
CA VAL B 131 22.12 -22.63 15.13
C VAL B 131 20.83 -22.96 15.89
N PRO B 132 20.76 -22.57 17.18
CA PRO B 132 19.73 -23.10 18.08
C PRO B 132 18.31 -22.60 17.80
N VAL B 133 18.17 -21.47 17.13
CA VAL B 133 16.88 -20.96 16.66
C VAL B 133 17.04 -20.40 15.24
N LEU B 134 16.39 -21.03 14.27
CA LEU B 134 16.37 -20.56 12.89
C LEU B 134 14.97 -20.08 12.52
N PRO B 135 14.87 -18.84 11.99
CA PRO B 135 13.60 -18.32 11.50
C PRO B 135 13.32 -18.88 10.10
N GLY B 136 12.24 -18.42 9.46
CA GLY B 136 11.86 -18.88 8.10
C GLY B 136 12.73 -18.36 6.96
N THR B 137 13.63 -17.42 7.25
CA THR B 137 14.69 -17.03 6.33
C THR B 137 16.00 -16.97 7.10
N ARG B 138 17.10 -17.35 6.47
CA ARG B 138 18.42 -17.33 7.11
C ARG B 138 19.18 -16.02 6.86
N GLN B 139 18.62 -15.16 6.02
CA GLN B 139 19.20 -13.85 5.74
C GLN B 139 18.86 -12.85 6.86
N VAL B 140 19.25 -13.18 8.09
CA VAL B 140 19.09 -12.23 9.21
C VAL B 140 20.40 -12.16 10.00
N THR B 141 20.72 -10.97 10.50
CA THR B 141 21.93 -10.80 11.28
C THR B 141 21.71 -11.28 12.71
N VAL B 142 22.81 -11.63 13.37
CA VAL B 142 22.82 -11.93 14.80
C VAL B 142 22.20 -10.76 15.57
N GLY B 143 22.61 -9.55 15.25
CA GLY B 143 22.04 -8.33 15.81
C GLY B 143 20.52 -8.27 15.68
N GLY B 144 20.02 -8.49 14.47
CA GLY B 144 18.58 -8.52 14.24
C GLY B 144 17.90 -9.68 14.95
N ALA B 145 18.56 -10.85 14.98
CA ALA B 145 18.00 -12.02 15.66
C ALA B 145 17.77 -11.74 17.15
N ILE B 146 18.71 -11.03 17.76
CA ILE B 146 18.59 -10.69 19.19
C ILE B 146 17.58 -9.57 19.40
N ALA B 147 17.70 -8.50 18.60
CA ALA B 147 16.84 -7.32 18.79
C ALA B 147 15.35 -7.59 18.58
N CYS B 148 15.03 -8.64 17.81
CA CYS B 148 13.64 -9.06 17.65
C CYS B 148 13.35 -10.34 18.43
N ASP B 149 14.35 -10.86 19.13
CA ASP B 149 14.23 -12.09 19.90
C ASP B 149 13.47 -13.15 19.09
N ILE B 150 14.05 -13.49 17.93
CA ILE B 150 13.36 -14.28 16.91
C ILE B 150 13.04 -15.68 17.38
N HIS B 151 12.00 -16.25 16.78
CA HIS B 151 11.51 -17.58 17.11
C HIS B 151 11.49 -18.46 15.88
N GLY B 152 11.39 -19.76 16.10
CA GLY B 152 11.36 -20.69 14.99
C GLY B 152 10.48 -21.88 15.26
N LYS B 153 10.62 -22.87 14.39
CA LYS B 153 9.83 -24.08 14.39
C LYS B 153 10.02 -24.87 15.70
N ASN B 154 11.15 -24.62 16.38
CA ASN B 154 11.46 -25.30 17.63
C ASN B 154 11.16 -24.50 18.90
N HIS B 155 10.33 -23.46 18.81
CA HIS B 155 10.08 -22.61 19.98
C HIS B 155 9.62 -23.38 21.19
N HIS B 156 8.69 -24.30 21.02
CA HIS B 156 8.10 -25.04 22.14
C HIS B 156 9.13 -25.86 22.87
N SER B 157 10.26 -26.14 22.22
CA SER B 157 11.30 -26.96 22.82
C SER B 157 12.60 -26.21 23.15
N ALA B 158 12.80 -25.04 22.53
CA ALA B 158 14.08 -24.33 22.67
C ALA B 158 13.96 -22.86 23.05
N GLY B 159 12.73 -22.36 23.12
CA GLY B 159 12.50 -20.93 23.33
C GLY B 159 12.95 -20.11 22.13
N SER B 160 13.20 -18.83 22.36
CA SER B 160 13.56 -17.92 21.26
C SER B 160 15.06 -17.64 21.26
N PHE B 161 15.51 -16.77 20.37
CA PHE B 161 16.94 -16.57 20.13
C PHE B 161 17.66 -16.07 21.38
N GLY B 162 16.99 -15.19 22.12
CA GLY B 162 17.52 -14.66 23.37
C GLY B 162 17.88 -15.68 24.42
N ASN B 163 17.17 -16.82 24.42
CA ASN B 163 17.43 -17.92 25.35
C ASN B 163 18.84 -18.52 25.19
N HIS B 164 19.48 -18.24 24.06
CA HIS B 164 20.71 -18.94 23.70
C HIS B 164 21.91 -18.06 23.65
N VAL B 165 21.70 -16.76 23.86
CA VAL B 165 22.80 -15.79 23.94
C VAL B 165 23.49 -15.88 25.30
N ARG B 166 24.79 -16.15 25.29
CA ARG B 166 25.54 -16.25 26.55
C ARG B 166 26.18 -14.94 26.98
N SER B 167 26.46 -14.06 26.01
CA SER B 167 26.94 -12.72 26.33
C SER B 167 26.75 -11.83 25.14
N MET B 168 26.73 -10.53 25.37
CA MET B 168 26.77 -9.57 24.27
C MET B 168 27.48 -8.28 24.65
N ASP B 169 28.14 -7.69 23.66
CA ASP B 169 28.78 -6.39 23.82
C ASP B 169 27.89 -5.30 23.22
N LEU B 170 27.31 -4.50 24.12
CA LEU B 170 26.40 -3.43 23.73
C LEU B 170 27.08 -2.08 23.80
N LEU B 171 27.12 -1.38 22.67
CA LEU B 171 27.54 0.02 22.64
C LEU B 171 26.38 0.91 23.09
N THR B 172 26.51 1.49 24.28
CA THR B 172 25.46 2.35 24.83
C THR B 172 25.68 3.83 24.50
N ALA B 173 24.70 4.66 24.88
CA ALA B 173 24.65 6.07 24.47
C ALA B 173 25.84 6.91 24.95
N ASP B 174 26.42 6.52 26.08
CA ASP B 174 27.56 7.24 26.67
C ASP B 174 28.92 6.86 26.05
N GLY B 175 28.90 6.02 25.01
CA GLY B 175 30.11 5.63 24.31
C GLY B 175 30.75 4.36 24.84
N GLU B 176 30.27 3.87 25.99
CA GLU B 176 30.75 2.62 26.57
C GLU B 176 30.31 1.38 25.78
N ILE B 177 31.24 0.43 25.59
CA ILE B 177 30.87 -0.89 25.12
C ILE B 177 30.75 -1.80 26.35
N ARG B 178 29.52 -2.15 26.70
CA ARG B 178 29.24 -2.92 27.91
C ARG B 178 29.09 -4.41 27.63
N HIS B 179 29.67 -5.24 28.50
CA HIS B 179 29.61 -6.69 28.35
C HIS B 179 28.47 -7.23 29.18
N LEU B 180 27.49 -7.84 28.52
CA LEU B 180 26.26 -8.25 29.21
C LEU B 180 26.06 -9.75 29.20
N THR B 181 25.58 -10.28 30.32
CA THR B 181 25.27 -11.69 30.45
C THR B 181 23.83 -11.82 30.93
N PRO B 182 23.19 -12.99 30.70
CA PRO B 182 21.77 -13.12 31.07
C PRO B 182 21.51 -13.24 32.58
N THR B 183 22.53 -13.60 33.36
CA THR B 183 22.38 -13.73 34.81
C THR B 183 23.48 -13.00 35.57
N GLY B 184 24.00 -11.94 34.98
CA GLY B 184 24.99 -11.10 35.65
C GLY B 184 24.29 -10.05 36.47
N GLU B 185 25.03 -9.00 36.82
CA GLU B 185 24.46 -7.82 37.47
C GLU B 185 23.84 -6.91 36.41
N ASP B 186 24.20 -7.18 35.16
CA ASP B 186 23.64 -6.46 34.02
C ASP B 186 22.51 -7.23 33.33
N ALA B 187 21.87 -8.16 34.06
CA ALA B 187 20.83 -9.02 33.48
C ALA B 187 19.63 -8.22 32.99
N GLU B 188 19.22 -7.25 33.79
CA GLU B 188 18.12 -6.35 33.46
C GLU B 188 18.30 -5.67 32.08
N LEU B 189 19.50 -5.14 31.82
CA LEU B 189 19.77 -4.50 30.54
C LEU B 189 19.91 -5.52 29.39
N PHE B 190 20.49 -6.68 29.70
CA PHE B 190 20.58 -7.80 28.78
C PHE B 190 19.18 -8.15 28.26
N TRP B 191 18.27 -8.36 29.20
CA TRP B 191 16.92 -8.79 28.86
C TRP B 191 16.06 -7.72 28.24
N ALA B 192 16.41 -6.45 28.46
CA ALA B 192 15.80 -5.33 27.74
C ALA B 192 16.32 -5.18 26.30
N THR B 193 17.57 -5.60 26.09
CA THR B 193 18.18 -5.61 24.76
C THR B 193 17.61 -6.74 23.90
N VAL B 194 17.43 -7.92 24.50
CA VAL B 194 16.69 -9.01 23.86
C VAL B 194 15.27 -8.50 23.56
N GLY B 195 14.88 -8.52 22.29
CA GLY B 195 13.56 -8.01 21.86
C GLY B 195 13.42 -6.49 21.95
N GLY B 196 14.53 -5.80 22.18
CA GLY B 196 14.49 -4.36 22.38
C GLY B 196 14.48 -3.50 21.13
N ASN B 197 14.49 -4.14 19.96
CA ASN B 197 14.45 -3.44 18.67
C ASN B 197 15.52 -2.36 18.48
N GLY B 198 16.72 -2.63 18.99
CA GLY B 198 17.85 -1.71 18.85
C GLY B 198 17.78 -0.47 19.73
N LEU B 199 16.79 -0.41 20.62
CA LEU B 199 16.56 0.82 21.40
C LEU B 199 17.33 0.92 22.73
N THR B 200 18.23 -0.01 22.99
CA THR B 200 19.18 0.12 24.13
C THR B 200 20.58 0.45 23.65
N GLY B 201 20.79 0.42 22.34
CA GLY B 201 22.11 0.64 21.79
C GLY B 201 22.45 -0.33 20.68
N ILE B 202 23.72 -0.35 20.29
CA ILE B 202 24.14 -1.16 19.18
C ILE B 202 24.85 -2.41 19.68
N ILE B 203 24.31 -3.58 19.36
CA ILE B 203 24.98 -4.82 19.69
C ILE B 203 26.15 -4.99 18.72
N MET B 204 27.36 -5.13 19.27
CA MET B 204 28.56 -5.21 18.42
C MET B 204 28.97 -6.65 18.16
N ARG B 205 28.67 -7.51 19.12
CA ARG B 205 29.32 -8.81 19.24
C ARG B 205 28.54 -9.65 20.25
N ALA B 206 28.49 -10.96 20.03
CA ALA B 206 27.78 -11.86 20.93
C ALA B 206 28.42 -13.23 21.02
N THR B 207 28.20 -13.90 22.13
CA THR B 207 28.49 -15.32 22.27
C THR B 207 27.15 -16.06 22.29
N ILE B 208 27.03 -17.08 21.44
CA ILE B 208 25.82 -17.88 21.34
C ILE B 208 26.15 -19.31 21.68
N GLU B 209 25.34 -19.93 22.51
CA GLU B 209 25.46 -21.36 22.73
C GLU B 209 24.69 -22.10 21.64
N MET B 210 25.40 -22.97 20.92
CA MET B 210 24.85 -23.73 19.80
C MET B 210 24.33 -25.07 20.26
N THR B 211 23.53 -25.71 19.42
CA THR B 211 23.01 -27.05 19.66
C THR B 211 23.89 -28.09 18.97
N PRO B 212 24.35 -29.10 19.73
CA PRO B 212 25.16 -30.17 19.12
C PRO B 212 24.35 -30.98 18.11
N THR B 213 24.98 -31.37 17.02
CA THR B 213 24.33 -32.21 16.01
C THR B 213 25.39 -33.06 15.32
N SER B 214 24.99 -34.25 14.86
CA SER B 214 25.90 -35.07 14.05
C SER B 214 25.53 -34.96 12.57
N THR B 215 24.36 -34.40 12.25
CA THR B 215 23.98 -34.21 10.85
C THR B 215 23.38 -32.82 10.58
N ALA B 216 23.26 -32.48 9.30
CA ALA B 216 22.52 -31.32 8.82
C ALA B 216 21.13 -31.74 8.31
N TYR B 217 20.62 -32.85 8.84
CA TYR B 217 19.33 -33.39 8.37
C TYR B 217 18.29 -33.49 9.47
N PHE B 218 17.04 -33.56 9.05
CA PHE B 218 15.89 -33.75 9.93
C PHE B 218 15.21 -35.08 9.62
N ILE B 219 14.67 -35.71 10.65
CA ILE B 219 13.76 -36.82 10.46
C ILE B 219 12.37 -36.31 10.81
N ALA B 220 11.46 -36.44 9.85
CA ALA B 220 10.17 -35.78 9.93
C ALA B 220 8.98 -36.73 9.85
N ASP B 221 7.93 -36.39 10.59
CA ASP B 221 6.62 -37.02 10.47
C ASP B 221 5.68 -35.96 9.98
N GLY B 222 4.90 -36.29 8.96
CA GLY B 222 3.90 -35.38 8.43
C GLY B 222 2.52 -35.90 8.72
N ASP B 223 1.61 -34.99 9.04
CA ASP B 223 0.20 -35.33 9.28
C ASP B 223 -0.66 -34.27 8.64
N VAL B 224 -1.76 -34.71 8.05
CA VAL B 224 -2.75 -33.81 7.49
C VAL B 224 -4.01 -33.93 8.34
N THR B 225 -4.59 -32.81 8.70
CA THR B 225 -5.85 -32.79 9.43
C THR B 225 -6.96 -32.26 8.52
N ALA B 226 -8.22 -32.46 8.91
CA ALA B 226 -9.36 -32.10 8.07
C ALA B 226 -10.13 -30.88 8.58
N SER B 227 -9.83 -30.44 9.79
CA SER B 227 -10.51 -29.30 10.41
C SER B 227 -9.63 -28.55 11.41
N LEU B 228 -10.06 -27.33 11.76
CA LEU B 228 -9.41 -26.55 12.81
C LEU B 228 -9.44 -27.32 14.11
N ASP B 229 -10.58 -27.96 14.38
CA ASP B 229 -10.76 -28.82 15.57
C ASP B 229 -9.70 -29.92 15.63
N GLU B 230 -9.47 -30.59 14.50
CA GLU B 230 -8.43 -31.62 14.43
C GLU B 230 -7.02 -31.05 14.54
N THR B 231 -6.80 -29.89 13.93
CA THR B 231 -5.51 -29.20 14.03
C THR B 231 -5.23 -28.85 15.49
N ILE B 232 -6.22 -28.27 16.15
CA ILE B 232 -6.12 -27.95 17.58
C ILE B 232 -5.95 -29.20 18.46
N ALA B 233 -6.75 -30.24 18.20
CA ALA B 233 -6.64 -31.51 18.94
C ALA B 233 -5.24 -32.12 18.83
N LEU B 234 -4.70 -32.13 17.62
CA LEU B 234 -3.36 -32.68 17.36
C LEU B 234 -2.29 -31.93 18.15
N HIS B 235 -2.47 -30.61 18.32
CA HIS B 235 -1.51 -29.80 19.08
C HIS B 235 -1.71 -29.88 20.57
N SER B 236 -2.84 -30.42 20.98
CA SER B 236 -3.21 -30.45 22.40
C SER B 236 -3.17 -31.84 23.00
N ASP B 237 -2.84 -32.86 22.21
CA ASP B 237 -2.93 -34.24 22.70
C ASP B 237 -1.66 -34.78 23.34
N GLY B 238 -0.64 -33.92 23.45
CA GLY B 238 0.64 -34.33 24.03
C GLY B 238 1.71 -34.70 23.02
N SER B 239 1.32 -34.87 21.76
CA SER B 239 2.27 -35.33 20.73
C SER B 239 3.42 -34.36 20.49
N GLU B 240 3.18 -33.06 20.69
CA GLU B 240 4.18 -32.03 20.48
C GLU B 240 5.46 -32.28 21.27
N ALA B 241 5.32 -32.89 22.44
CA ALA B 241 6.45 -33.21 23.29
C ALA B 241 7.43 -34.22 22.66
N ARG B 242 6.99 -34.93 21.63
CA ARG B 242 7.81 -35.92 20.93
C ARG B 242 8.69 -35.32 19.81
N TYR B 243 8.53 -34.03 19.57
CA TYR B 243 9.21 -33.34 18.48
C TYR B 243 9.87 -32.04 18.94
N THR B 244 11.14 -31.86 18.61
CA THR B 244 11.81 -30.60 18.90
C THR B 244 11.33 -29.47 17.98
N TYR B 245 10.97 -29.82 16.73
CA TYR B 245 10.51 -28.88 15.71
C TYR B 245 9.09 -29.22 15.26
N SER B 246 8.27 -28.20 15.08
CA SER B 246 6.89 -28.39 14.67
C SER B 246 6.30 -27.09 14.16
N SER B 247 5.72 -27.16 12.96
CA SER B 247 4.87 -26.08 12.44
C SER B 247 3.91 -26.62 11.39
N ALA B 248 2.92 -25.82 11.02
CA ALA B 248 1.90 -26.25 10.07
C ALA B 248 1.52 -25.16 9.07
N TRP B 249 1.17 -25.58 7.85
CA TRP B 249 0.42 -24.69 6.96
CA TRP B 249 0.44 -24.70 6.94
C TRP B 249 -1.02 -24.97 7.20
N PHE B 250 -1.83 -23.92 7.29
CA PHE B 250 -3.25 -24.13 7.49
C PHE B 250 -4.11 -23.41 6.46
N ASP B 251 -5.33 -23.92 6.31
CA ASP B 251 -6.30 -23.44 5.34
C ASP B 251 -7.13 -22.34 5.99
N ALA B 252 -6.93 -21.11 5.51
CA ALA B 252 -7.63 -19.94 6.03
C ALA B 252 -8.72 -19.43 5.08
N ILE B 253 -8.91 -20.14 3.97
CA ILE B 253 -9.84 -19.70 2.92
C ILE B 253 -11.17 -20.47 2.94
N SER B 254 -11.10 -21.80 3.03
CA SER B 254 -12.29 -22.65 3.09
C SER B 254 -13.20 -22.28 4.25
N ALA B 255 -14.50 -22.52 4.05
CA ALA B 255 -15.48 -22.36 5.10
C ALA B 255 -15.46 -23.60 6.00
N PRO B 256 -15.95 -23.46 7.26
CA PRO B 256 -16.06 -24.62 8.16
C PRO B 256 -16.85 -25.76 7.51
N PRO B 257 -16.56 -27.01 7.89
CA PRO B 257 -15.53 -27.43 8.85
C PRO B 257 -14.16 -27.68 8.20
N LYS B 258 -14.01 -27.31 6.93
CA LYS B 258 -12.74 -27.37 6.23
C LYS B 258 -11.75 -26.37 6.80
N LEU B 259 -12.25 -25.20 7.18
CA LEU B 259 -11.44 -24.12 7.70
C LEU B 259 -10.50 -24.61 8.81
N GLY B 260 -9.23 -24.26 8.69
CA GLY B 260 -8.26 -24.59 9.71
C GLY B 260 -7.68 -25.98 9.60
N ARG B 261 -8.01 -26.67 8.50
CA ARG B 261 -7.34 -27.94 8.18
C ARG B 261 -5.90 -27.59 7.86
N ALA B 262 -4.99 -28.53 8.07
CA ALA B 262 -3.57 -28.20 8.05
C ALA B 262 -2.69 -29.34 7.56
N ALA B 263 -1.55 -28.98 6.99
CA ALA B 263 -0.47 -29.91 6.76
C ALA B 263 0.57 -29.64 7.85
N VAL B 264 0.76 -30.61 8.73
CA VAL B 264 1.64 -30.44 9.88
C VAL B 264 2.96 -31.17 9.61
N SER B 265 4.06 -30.46 9.81
CA SER B 265 5.40 -31.00 9.61
C SER B 265 6.19 -30.90 10.91
N ARG B 266 6.57 -32.05 11.47
CA ARG B 266 7.24 -32.10 12.77
C ARG B 266 8.43 -33.03 12.72
N GLY B 267 9.42 -32.79 13.56
CA GLY B 267 10.60 -33.63 13.57
C GLY B 267 11.67 -33.25 14.56
N ARG B 268 12.84 -33.84 14.37
CA ARG B 268 14.01 -33.54 15.18
C ARG B 268 15.25 -33.73 14.31
N LEU B 269 16.39 -33.25 14.78
CA LEU B 269 17.65 -33.43 14.06
C LEU B 269 17.97 -34.92 13.93
N ALA B 270 18.32 -35.33 12.71
CA ALA B 270 18.74 -36.69 12.43
C ALA B 270 20.12 -36.97 13.01
N THR B 271 20.33 -38.23 13.42
CA THR B 271 21.68 -38.74 13.71
C THR B 271 22.23 -39.44 12.47
N VAL B 272 23.54 -39.66 12.45
CA VAL B 272 24.22 -40.19 11.26
C VAL B 272 23.65 -41.54 10.80
N GLU B 273 23.44 -42.45 11.74
CA GLU B 273 22.97 -43.79 11.40
C GLU B 273 21.54 -43.84 10.85
N GLN B 274 20.79 -42.74 11.04
CA GLN B 274 19.45 -42.60 10.47
C GLN B 274 19.47 -42.15 9.01
N LEU B 275 20.65 -41.80 8.52
CA LEU B 275 20.79 -41.37 7.13
C LEU B 275 20.90 -42.58 6.21
N PRO B 276 20.33 -42.48 4.99
CA PRO B 276 20.60 -43.48 3.94
C PRO B 276 22.10 -43.47 3.62
N ALA B 277 22.65 -44.64 3.28
CA ALA B 277 24.09 -44.79 3.03
C ALA B 277 24.64 -43.76 2.02
N LYS B 278 23.80 -43.34 1.08
CA LYS B 278 24.15 -42.30 0.12
C LYS B 278 24.67 -41.01 0.77
N LEU B 279 24.10 -40.64 1.92
CA LEU B 279 24.47 -39.42 2.63
C LEU B 279 25.34 -39.65 3.85
N ARG B 280 25.65 -40.91 4.14
CA ARG B 280 26.40 -41.30 5.33
C ARG B 280 27.80 -40.69 5.42
N SER B 281 28.51 -40.69 4.30
CA SER B 281 29.90 -40.26 4.25
C SER B 281 30.08 -38.78 4.57
N GLU B 282 29.10 -37.96 4.17
CA GLU B 282 29.11 -36.53 4.45
C GLU B 282 27.86 -36.07 5.21
N PRO B 283 27.75 -36.43 6.50
CA PRO B 283 26.51 -36.18 7.24
C PRO B 283 26.23 -34.69 7.50
N LEU B 284 27.29 -33.89 7.57
CA LEU B 284 27.21 -32.48 7.95
C LEU B 284 27.19 -31.49 6.78
N LYS B 285 27.16 -31.99 5.55
CA LYS B 285 27.21 -31.12 4.40
C LYS B 285 25.81 -30.58 4.12
N PHE B 286 25.71 -29.28 3.84
CA PHE B 286 24.43 -28.66 3.52
C PHE B 286 24.12 -28.72 2.02
N GLY B 320 0.09 -36.16 2.31
CA GLY B 320 1.02 -35.45 3.19
C GLY B 320 1.18 -36.11 4.55
N THR B 321 0.82 -37.40 4.63
CA THR B 321 1.11 -38.21 5.80
C THR B 321 2.35 -39.06 5.53
N TYR B 322 3.35 -38.95 6.41
CA TYR B 322 4.56 -39.75 6.31
C TYR B 322 5.21 -39.91 7.67
N ARG B 323 6.07 -40.92 7.79
CA ARG B 323 6.78 -41.19 9.04
C ARG B 323 8.26 -41.40 8.78
N GLY B 324 9.09 -40.81 9.63
CA GLY B 324 10.52 -41.05 9.63
C GLY B 324 11.23 -40.68 8.35
N LYS B 325 10.84 -39.55 7.76
CA LYS B 325 11.39 -39.12 6.50
C LYS B 325 12.59 -38.21 6.71
N VAL B 326 13.72 -38.59 6.12
CA VAL B 326 14.95 -37.81 6.13
C VAL B 326 14.79 -36.62 5.18
N GLN B 327 15.09 -35.42 5.69
CA GLN B 327 14.93 -34.19 4.92
C GLN B 327 16.05 -33.23 5.27
N ASN B 328 16.49 -32.47 4.26
CA ASN B 328 17.41 -31.36 4.51
C ASN B 328 16.65 -30.14 5.03
N LEU B 329 17.38 -29.08 5.33
CA LEU B 329 16.79 -27.88 5.93
C LEU B 329 15.68 -27.25 5.09
N THR B 330 15.91 -27.11 3.78
CA THR B 330 14.92 -26.51 2.90
C THR B 330 13.66 -27.37 2.74
N GLN B 331 13.85 -28.68 2.59
CA GLN B 331 12.74 -29.63 2.55
C GLN B 331 11.86 -29.56 3.80
N PHE B 332 12.49 -29.40 4.95
CA PHE B 332 11.81 -29.39 6.24
C PHE B 332 11.28 -28.00 6.56
N ALA B 349 5.60 -6.33 -2.64
CA ALA B 349 5.27 -4.93 -2.41
C ALA B 349 3.80 -4.69 -2.03
N GLY B 350 2.89 -5.48 -2.60
CA GLY B 350 1.46 -5.32 -2.34
C GLY B 350 0.84 -6.39 -1.45
N PHE B 351 1.48 -6.65 -0.31
CA PHE B 351 1.01 -7.64 0.64
C PHE B 351 1.15 -7.17 2.08
N LEU B 352 0.24 -7.61 2.95
CA LEU B 352 0.29 -7.26 4.36
C LEU B 352 0.52 -8.50 5.24
N GLN B 353 1.73 -8.61 5.77
CA GLN B 353 2.07 -9.70 6.66
C GLN B 353 1.54 -9.40 8.04
N TYR B 354 0.73 -10.32 8.56
CA TYR B 354 0.13 -10.15 9.87
C TYR B 354 0.40 -11.39 10.73
N GLN B 355 0.98 -11.18 11.91
CA GLN B 355 1.29 -12.27 12.83
C GLN B 355 0.83 -11.94 14.24
N PHE B 356 0.14 -12.89 14.86
CA PHE B 356 -0.28 -12.71 16.24
C PHE B 356 -0.20 -14.00 17.01
N VAL B 357 -0.19 -13.89 18.34
CA VAL B 357 -0.33 -15.06 19.20
C VAL B 357 -1.46 -14.85 20.22
N ILE B 358 -2.20 -15.91 20.50
CA ILE B 358 -3.29 -15.90 21.47
C ILE B 358 -2.93 -16.91 22.54
N PRO B 359 -2.98 -16.50 23.83
CA PRO B 359 -2.66 -17.42 24.93
C PRO B 359 -3.37 -18.77 24.78
N THR B 360 -2.68 -19.83 25.21
CA THR B 360 -3.17 -21.22 25.08
C THR B 360 -4.61 -21.41 25.61
N GLU B 361 -4.87 -20.90 26.81
CA GLU B 361 -6.19 -21.00 27.47
C GLU B 361 -7.34 -20.47 26.61
N ALA B 362 -7.07 -19.42 25.83
CA ALA B 362 -8.11 -18.78 25.03
C ALA B 362 -8.29 -19.46 23.67
N VAL B 363 -8.39 -20.79 23.69
CA VAL B 363 -8.51 -21.59 22.46
C VAL B 363 -9.80 -21.29 21.69
N ASP B 364 -10.91 -21.06 22.39
CA ASP B 364 -12.19 -20.74 21.73
C ASP B 364 -12.15 -19.38 21.04
N GLU B 365 -11.45 -18.43 21.66
CA GLU B 365 -11.24 -17.09 21.13
C GLU B 365 -10.36 -17.12 19.90
N PHE B 366 -9.37 -18.01 19.91
CA PHE B 366 -8.48 -18.19 18.79
C PHE B 366 -9.25 -18.74 17.60
N LYS B 367 -10.07 -19.77 17.84
CA LYS B 367 -10.97 -20.32 16.82
C LYS B 367 -11.84 -19.25 16.17
N LYS B 368 -12.46 -18.40 16.99
CA LYS B 368 -13.30 -17.30 16.50
C LYS B 368 -12.55 -16.35 15.57
N ILE B 369 -11.31 -15.99 15.93
CA ILE B 369 -10.50 -15.11 15.08
C ILE B 369 -10.21 -15.75 13.71
N ILE B 370 -9.98 -17.07 13.68
CA ILE B 370 -9.80 -17.78 12.41
C ILE B 370 -11.07 -17.67 11.56
N GLY B 371 -12.22 -17.93 12.18
CA GLY B 371 -13.54 -17.78 11.55
C GLY B 371 -13.74 -16.38 11.00
N VAL B 372 -13.36 -15.38 11.79
CA VAL B 372 -13.50 -13.98 11.38
C VAL B 372 -12.61 -13.69 10.18
N ILE B 373 -11.45 -14.32 10.13
CA ILE B 373 -10.55 -14.12 8.99
C ILE B 373 -11.11 -14.72 7.70
N GLN B 374 -11.58 -15.97 7.76
CA GLN B 374 -12.06 -16.61 6.54
C GLN B 374 -13.28 -15.88 5.96
N ALA B 375 -14.18 -15.47 6.84
CA ALA B 375 -15.44 -14.83 6.48
C ALA B 375 -15.29 -13.36 6.09
N SER B 376 -14.08 -12.81 6.25
CA SER B 376 -13.83 -11.41 5.94
C SER B 376 -13.70 -11.14 4.45
N GLY B 377 -13.56 -12.19 3.65
CA GLY B 377 -13.31 -12.03 2.21
C GLY B 377 -11.89 -11.60 1.90
N HIS B 378 -11.05 -11.50 2.93
CA HIS B 378 -9.62 -11.28 2.75
C HIS B 378 -8.95 -12.61 2.83
N TYR B 379 -8.27 -12.97 1.74
CA TYR B 379 -7.78 -14.34 1.56
C TYR B 379 -6.27 -14.44 1.68
N SER B 380 -5.82 -15.40 2.48
CA SER B 380 -4.41 -15.66 2.66
C SER B 380 -4.06 -17.10 2.30
N PHE B 381 -3.05 -17.27 1.46
CA PHE B 381 -2.53 -18.57 1.08
C PHE B 381 -1.33 -18.98 1.94
N LEU B 382 -0.46 -18.01 2.23
CA LEU B 382 0.79 -18.24 2.99
C LEU B 382 0.53 -18.17 4.48
N ASN B 383 0.19 -19.32 5.05
CA ASN B 383 -0.23 -19.40 6.44
C ASN B 383 0.73 -20.25 7.24
N VAL B 384 1.12 -19.78 8.42
CA VAL B 384 1.91 -20.59 9.35
C VAL B 384 1.19 -20.67 10.69
N PHE B 385 1.10 -21.88 11.22
CA PHE B 385 0.44 -22.16 12.48
C PHE B 385 1.49 -22.82 13.36
N LYS B 386 1.63 -22.35 14.58
CA LYS B 386 2.55 -22.94 15.55
C LYS B 386 2.03 -22.76 16.98
N LEU B 387 2.25 -23.77 17.81
CA LEU B 387 1.93 -23.63 19.23
C LEU B 387 3.23 -23.29 19.95
N PHE B 388 3.34 -22.06 20.44
CA PHE B 388 4.53 -21.60 21.16
C PHE B 388 4.64 -22.27 22.52
N GLY B 389 5.87 -22.39 23.02
CA GLY B 389 6.11 -22.85 24.39
C GLY B 389 6.29 -21.71 25.38
N PRO B 390 6.87 -21.99 26.56
CA PRO B 390 7.11 -20.98 27.61
C PRO B 390 7.81 -19.72 27.10
N ARG B 391 7.40 -18.57 27.62
CA ARG B 391 8.07 -17.32 27.32
C ARG B 391 9.41 -17.20 28.06
N ASN B 392 10.21 -16.21 27.70
CA ASN B 392 11.44 -15.90 28.43
C ASN B 392 11.27 -14.62 29.24
N GLN B 393 12.35 -14.13 29.86
CA GLN B 393 12.20 -12.98 30.77
C GLN B 393 12.37 -11.62 30.13
N ALA B 394 12.55 -11.56 28.82
CA ALA B 394 12.61 -10.28 28.10
C ALA B 394 11.24 -9.57 28.11
N PRO B 395 11.18 -8.36 28.68
CA PRO B 395 9.90 -7.63 28.79
C PRO B 395 9.17 -7.42 27.46
N LEU B 396 9.91 -7.15 26.39
CA LEU B 396 9.27 -6.90 25.09
C LEU B 396 9.27 -8.10 24.14
N SER B 397 9.61 -9.28 24.65
CA SER B 397 9.65 -10.51 23.82
C SER B 397 8.25 -10.86 23.31
N PHE B 398 8.16 -11.12 22.00
CA PHE B 398 6.87 -11.43 21.37
C PHE B 398 6.25 -12.76 21.82
N PRO B 399 7.01 -13.89 21.75
CA PRO B 399 6.32 -15.17 22.06
C PRO B 399 5.81 -15.36 23.50
N ILE B 400 4.58 -15.86 23.59
CA ILE B 400 3.99 -16.34 24.86
C ILE B 400 3.42 -17.72 24.58
N PRO B 401 3.22 -18.57 25.62
CA PRO B 401 2.65 -19.88 25.27
C PRO B 401 1.27 -19.70 24.61
N GLY B 402 1.07 -20.34 23.47
CA GLY B 402 -0.19 -20.16 22.75
C GLY B 402 -0.16 -20.28 21.24
N TRP B 403 -1.29 -19.92 20.63
CA TRP B 403 -1.55 -20.15 19.20
C TRP B 403 -1.02 -19.03 18.36
N ASN B 404 0.10 -19.33 17.70
CA ASN B 404 0.77 -18.39 16.85
C ASN B 404 0.35 -18.57 15.40
N ILE B 405 0.01 -17.47 14.74
CA ILE B 405 -0.37 -17.52 13.36
C ILE B 405 0.19 -16.37 12.51
N CYS B 406 0.77 -16.72 11.37
CA CYS B 406 1.18 -15.73 10.38
CA CYS B 406 1.20 -15.76 10.36
C CYS B 406 0.32 -15.89 9.14
N VAL B 407 -0.20 -14.76 8.65
CA VAL B 407 -0.97 -14.70 7.42
C VAL B 407 -0.46 -13.54 6.56
N ASP B 408 -0.72 -13.62 5.27
CA ASP B 408 -0.24 -12.63 4.32
C ASP B 408 -1.42 -12.24 3.42
N PHE B 409 -1.94 -11.04 3.65
CA PHE B 409 -3.08 -10.55 2.88
C PHE B 409 -2.62 -9.72 1.69
N PRO B 410 -3.25 -9.92 0.53
CA PRO B 410 -3.04 -9.00 -0.60
C PRO B 410 -3.60 -7.63 -0.25
N ILE B 411 -2.85 -6.56 -0.52
CA ILE B 411 -3.36 -5.20 -0.29
C ILE B 411 -4.59 -4.99 -1.16
N LYS B 412 -5.76 -5.08 -0.52
CA LYS B 412 -7.06 -4.96 -1.15
C LYS B 412 -7.83 -3.91 -0.35
N ASP B 413 -9.08 -3.65 -0.71
CA ASP B 413 -9.84 -2.62 0.00
C ASP B 413 -10.48 -3.14 1.28
N GLY B 414 -10.53 -2.26 2.28
CA GLY B 414 -11.07 -2.59 3.59
C GLY B 414 -10.06 -3.33 4.46
N LEU B 415 -8.91 -3.67 3.86
CA LEU B 415 -7.85 -4.41 4.56
C LEU B 415 -7.35 -3.64 5.78
N GLY B 416 -7.03 -2.36 5.58
CA GLY B 416 -6.61 -1.48 6.67
C GLY B 416 -7.57 -1.50 7.85
N LYS B 417 -8.85 -1.28 7.57
CA LYS B 417 -9.88 -1.28 8.60
C LYS B 417 -10.06 -2.66 9.24
N PHE B 418 -9.96 -3.70 8.42
CA PHE B 418 -10.13 -5.07 8.90
C PHE B 418 -9.03 -5.52 9.86
N VAL B 419 -7.77 -5.21 9.53
CA VAL B 419 -6.66 -5.60 10.43
C VAL B 419 -6.74 -4.85 11.77
N SER B 420 -7.31 -3.64 11.75
CA SER B 420 -7.58 -2.90 12.99
C SER B 420 -8.57 -3.63 13.89
N GLU B 421 -9.61 -4.20 13.28
CA GLU B 421 -10.58 -5.03 13.99
C GLU B 421 -9.89 -6.27 14.55
N LEU B 422 -8.95 -6.83 13.78
CA LEU B 422 -8.18 -7.98 14.25
C LEU B 422 -7.34 -7.60 15.46
N ASP B 423 -6.64 -6.47 15.37
CA ASP B 423 -5.83 -5.96 16.47
C ASP B 423 -6.61 -5.96 17.76
N ARG B 424 -7.86 -5.54 17.68
CA ARG B 424 -8.68 -5.38 18.86
C ARG B 424 -9.16 -6.73 19.39
N ARG B 425 -9.33 -7.70 18.50
CA ARG B 425 -9.68 -9.05 18.94
C ARG B 425 -8.48 -9.70 19.65
N VAL B 426 -7.30 -9.60 19.01
CA VAL B 426 -6.04 -10.07 19.58
C VAL B 426 -5.82 -9.43 20.95
N LEU B 427 -5.97 -8.10 20.98
CA LEU B 427 -5.85 -7.32 22.21
C LEU B 427 -6.81 -7.82 23.28
N GLU B 428 -8.08 -7.98 22.89
CA GLU B 428 -9.14 -8.40 23.81
C GLU B 428 -8.83 -9.70 24.55
N PHE B 429 -8.23 -10.65 23.83
CA PHE B 429 -8.04 -11.98 24.39
C PHE B 429 -6.64 -12.26 24.94
N GLY B 430 -5.92 -11.20 25.30
CA GLY B 430 -4.61 -11.33 25.95
C GLY B 430 -3.44 -11.64 25.04
N GLY B 431 -3.65 -11.55 23.73
CA GLY B 431 -2.60 -11.81 22.75
C GLY B 431 -1.82 -10.58 22.35
N ARG B 432 -0.89 -10.74 21.41
CA ARG B 432 -0.08 -9.61 20.94
C ARG B 432 0.34 -9.76 19.49
N LEU B 433 0.80 -8.64 18.92
CA LEU B 433 1.42 -8.60 17.60
C LEU B 433 2.94 -8.56 17.76
N TYR B 434 3.64 -8.83 16.67
CA TYR B 434 5.10 -8.95 16.62
C TYR B 434 5.70 -7.71 15.95
N THR B 435 6.60 -7.00 16.63
CA THR B 435 7.23 -5.79 16.03
C THR B 435 7.92 -6.02 14.68
N ALA B 436 8.42 -7.23 14.45
CA ALA B 436 9.12 -7.59 13.21
C ALA B 436 8.18 -7.69 12.00
N LYS B 437 6.88 -7.65 12.26
CA LYS B 437 5.83 -7.71 11.22
C LYS B 437 4.92 -6.49 11.26
N ASP B 438 5.31 -5.45 12.00
CA ASP B 438 4.40 -4.32 12.24
C ASP B 438 4.91 -2.98 11.74
N SER B 439 4.04 -2.25 11.05
CA SER B 439 4.28 -0.86 10.71
C SER B 439 3.01 -0.02 10.81
N ARG B 440 1.92 -0.61 11.31
CA ARG B 440 0.63 0.10 11.32
C ARG B 440 -0.13 0.24 12.66
N THR B 441 0.20 -0.56 13.67
CA THR B 441 -0.56 -0.48 14.93
C THR B 441 -0.25 0.82 15.73
N THR B 442 -1.17 1.19 16.62
CA THR B 442 -1.01 2.40 17.46
C THR B 442 -0.26 2.07 18.74
N ALA B 443 0.27 3.12 19.37
CA ALA B 443 1.01 3.01 20.63
C ALA B 443 0.17 2.40 21.76
N GLU B 444 -1.11 2.76 21.84
CA GLU B 444 -2.00 2.27 22.91
C GLU B 444 -2.24 0.78 22.82
N THR B 445 -2.55 0.30 21.61
CA THR B 445 -2.66 -1.13 21.34
C THR B 445 -1.37 -1.84 21.74
N PHE B 446 -0.23 -1.35 21.25
CA PHE B 446 1.05 -1.97 21.57
C PHE B 446 1.31 -2.00 23.07
N HIS B 447 1.16 -0.87 23.74
CA HIS B 447 1.37 -0.78 25.18
C HIS B 447 0.48 -1.73 25.94
N ALA B 448 -0.76 -1.90 25.48
CA ALA B 448 -1.70 -2.77 26.17
C ALA B 448 -1.40 -4.25 25.90
N MET B 449 -0.76 -4.52 24.76
CA MET B 449 -0.36 -5.88 24.39
C MET B 449 0.84 -6.37 25.18
N TYR B 450 1.67 -5.42 25.64
CA TYR B 450 2.89 -5.73 26.36
C TYR B 450 2.84 -5.04 27.74
N PRO B 451 2.23 -5.69 28.75
CA PRO B 451 2.09 -5.06 30.08
C PRO B 451 3.40 -4.76 30.82
N ARG B 452 4.52 -5.33 30.37
CA ARG B 452 5.82 -5.00 30.97
C ARG B 452 6.52 -3.84 30.26
N VAL B 453 5.79 -3.16 29.37
CA VAL B 453 6.38 -2.07 28.57
C VAL B 453 6.93 -0.92 29.43
N ASP B 454 6.22 -0.57 30.51
CA ASP B 454 6.67 0.50 31.41
C ASP B 454 7.98 0.14 32.09
N GLU B 455 8.07 -1.11 32.53
CA GLU B 455 9.29 -1.66 33.11
C GLU B 455 10.44 -1.64 32.09
N TRP B 456 10.13 -1.98 30.83
CA TRP B 456 11.11 -1.89 29.77
C TRP B 456 11.57 -0.47 29.53
N ILE B 457 10.63 0.47 29.38
CA ILE B 457 10.95 1.89 29.19
C ILE B 457 11.79 2.44 30.34
N SER B 458 11.46 2.05 31.57
CA SER B 458 12.28 2.37 32.73
C SER B 458 13.77 2.08 32.50
N VAL B 459 14.09 0.84 32.16
CA VAL B 459 15.46 0.42 31.79
C VAL B 459 16.00 1.22 30.61
N ARG B 460 15.16 1.42 29.60
CA ARG B 460 15.54 2.13 28.38
C ARG B 460 15.98 3.59 28.66
N ARG B 461 15.23 4.29 29.52
CA ARG B 461 15.58 5.67 29.89
C ARG B 461 16.85 5.76 30.75
N LYS B 462 17.04 4.75 31.60
CA LYS B 462 18.26 4.64 32.40
C LYS B 462 19.52 4.59 31.52
N VAL B 463 19.50 3.71 30.51
CA VAL B 463 20.67 3.47 29.66
C VAL B 463 20.82 4.48 28.51
N ASP B 464 19.73 5.20 28.19
CA ASP B 464 19.74 6.19 27.11
C ASP B 464 18.88 7.42 27.45
N PRO B 465 19.36 8.27 28.37
CA PRO B 465 18.57 9.42 28.83
C PRO B 465 18.28 10.42 27.72
N LEU B 466 19.28 10.66 26.88
CA LEU B 466 19.21 11.72 25.87
C LEU B 466 18.59 11.25 24.55
N ARG B 467 18.02 10.04 24.58
CA ARG B 467 17.44 9.39 23.39
C ARG B 467 18.35 9.40 22.16
N VAL B 468 19.61 9.01 22.37
CA VAL B 468 20.55 8.83 21.26
C VAL B 468 20.05 7.74 20.31
N PHE B 469 19.37 6.73 20.84
CA PHE B 469 18.83 5.67 20.00
C PHE B 469 17.34 5.81 19.76
N ALA B 470 16.98 5.90 18.48
CA ALA B 470 15.63 6.20 18.04
C ALA B 470 15.38 5.64 16.64
N SER B 471 14.11 5.35 16.37
CA SER B 471 13.68 4.77 15.11
C SER B 471 12.27 5.20 14.79
N ASP B 472 11.84 5.03 13.54
CA ASP B 472 10.47 5.32 13.15
C ASP B 472 9.51 4.53 14.04
N MET B 473 9.78 3.23 14.20
CA MET B 473 8.95 2.42 15.08
C MET B 473 8.85 2.99 16.50
N ALA B 474 9.98 3.36 17.09
CA ALA B 474 9.98 3.88 18.46
C ALA B 474 9.11 5.13 18.62
N ARG B 475 9.20 6.05 17.66
CA ARG B 475 8.40 7.27 17.68
C ARG B 475 6.91 6.95 17.53
N ARG B 476 6.60 6.06 16.58
CA ARG B 476 5.21 5.63 16.32
C ARG B 476 4.59 4.93 17.54
N LEU B 477 5.33 4.00 18.14
CA LEU B 477 4.81 3.23 19.28
C LEU B 477 5.15 3.84 20.63
N GLU B 478 5.72 5.04 20.61
CA GLU B 478 6.13 5.76 21.83
C GLU B 478 6.96 4.87 22.76
N LEU B 479 8.16 4.54 22.29
CA LEU B 479 9.08 3.72 23.08
C LEU B 479 10.33 4.48 23.51
N LEU B 480 10.40 5.76 23.16
CA LEU B 480 11.46 6.65 23.62
C LEU B 480 11.31 6.91 25.12
PA FAD C . -6.16 20.35 -17.18
O1A FAD C . -7.65 20.41 -17.47
O2A FAD C . -5.19 21.19 -17.96
O5B FAD C . -5.91 20.61 -15.60
C5B FAD C . -6.82 20.08 -14.62
C4B FAD C . -6.20 20.21 -13.25
O4B FAD C . -4.97 19.49 -13.24
C3B FAD C . -5.85 21.66 -12.94
O3B FAD C . -6.17 21.93 -11.57
C2B FAD C . -4.35 21.75 -13.09
O2B FAD C . -3.83 22.73 -12.19
C1B FAD C . -3.94 20.33 -12.72
N9A FAD C . -2.62 19.94 -13.27
C8A FAD C . -2.36 19.60 -14.55
N7A FAD C . -1.06 19.28 -14.72
C5A FAD C . -0.47 19.41 -13.51
C6A FAD C . 0.89 19.23 -12.96
N6A FAD C . 1.90 18.83 -13.76
N1A FAD C . 1.08 19.48 -11.65
C2A FAD C . 0.07 19.87 -10.83
N3A FAD C . -1.19 20.05 -11.26
C4A FAD C . -1.51 19.84 -12.56
N1 FAD C . -12.52 12.58 -15.94
C2 FAD C . -12.72 11.40 -15.29
O2 FAD C . -12.36 11.31 -14.10
N3 FAD C . -13.29 10.34 -15.90
C4 FAD C . -13.68 10.39 -17.18
O4 FAD C . -14.19 9.41 -17.74
C4X FAD C . -13.50 11.64 -17.97
N5 FAD C . -13.87 11.75 -19.26
C5X FAD C . -13.68 12.91 -19.94
C6 FAD C . -14.07 13.01 -21.28
C7 FAD C . -13.89 14.20 -21.98
C7M FAD C . -14.33 14.27 -23.44
C8 FAD C . -13.27 15.37 -21.32
C8M FAD C . -13.06 16.65 -22.08
C9 FAD C . -12.87 15.29 -19.98
C9A FAD C . -13.06 14.09 -19.26
N10 FAD C . -12.67 13.97 -17.90
C10 FAD C . -12.88 12.75 -17.24
C1' FAD C . -12.04 15.06 -17.18
C2' FAD C . -10.52 14.90 -17.28
O2' FAD C . -10.12 13.53 -17.07
C3' FAD C . -9.86 15.81 -16.26
O3' FAD C . -10.43 17.11 -16.41
C4' FAD C . -8.32 15.88 -16.34
O4' FAD C . -7.77 16.42 -15.12
C5' FAD C . -7.87 16.71 -17.54
O5' FAD C . -6.47 16.55 -17.76
P FAD C . -5.64 17.76 -18.42
O1P FAD C . -4.20 17.29 -18.58
O2P FAD C . -6.42 18.27 -19.60
O3P FAD C . -5.63 18.82 -17.20
FAL R58 D . -16.06 6.36 -15.95
CAI R58 D . -17.18 6.62 -16.59
FAJ R58 D . -17.35 5.74 -17.55
FAK R58 D . -18.19 6.51 -15.76
CAH R58 D . -17.16 8.03 -17.13
CAG R58 D . -17.18 9.11 -16.24
CAF R58 D . -17.17 10.42 -16.73
CAM R58 D . -17.14 8.26 -18.50
CAN R58 D . -17.13 9.57 -18.99
CAE R58 D . -17.15 10.65 -18.10
NAD R58 D . -17.14 11.90 -18.59
CAC R58 D . -17.11 12.14 -19.94
CAB R58 D . -17.12 13.58 -20.42
OBA R58 D . -16.76 14.48 -19.64
OAA R58 D . -17.46 13.86 -21.59
NAO R58 D . -17.10 9.80 -20.33
CAP R58 D . -17.10 11.05 -20.82
NAQ R58 D . -17.08 11.25 -22.16
CAR R58 D . -17.39 10.22 -23.14
CAS R58 D . -17.51 10.86 -24.51
CAT R58 D . -16.36 11.34 -25.16
CAU R58 D . -16.46 11.95 -26.42
CAZ R58 D . -18.76 11.00 -25.11
CAY R58 D . -18.86 11.61 -26.37
CAV R58 D . -17.71 12.09 -27.02
OAW R58 D . -17.82 12.68 -28.25
CAX R58 D . -18.38 13.99 -28.40
CAX3 R58 D . -19.74 13.91 -29.08
O1 2J3 E . -15.71 3.19 0.36
O2 2J3 E . -17.31 5.44 1.40
C3 2J3 E . -15.17 4.20 1.22
O3 2J3 E . -16.77 8.93 2.17
C4 2J3 E . -16.25 4.80 2.15
O4 2J3 E . -18.55 11.95 1.77
C5 2J3 E . -17.78 6.70 1.90
C16 2J3 E . -14.02 3.54 1.99
C15 2J3 E . -19.26 6.86 1.58
C6 2J3 E . -17.04 7.87 1.25
C7 2J3 E . -16.88 10.23 1.59
C14 2J3 E . -15.50 10.79 1.24
C8 2J3 E . -17.61 11.18 2.53
N1 IMD F . 15.49 0.59 -16.21
C2 IMD F . 14.97 -0.57 -15.74
N3 IMD F . 13.90 -0.26 -14.98
C4 IMD F . 13.75 1.07 -14.96
C5 IMD F . 14.76 1.61 -15.74
PA FAD G . 16.68 -5.64 10.56
O1A FAD G . 15.32 -5.84 9.95
O2A FAD G . 17.71 -4.89 9.79
O5B FAD G . 16.44 -4.93 11.97
C5B FAD G . 15.41 -5.40 12.85
C4B FAD G . 15.66 -4.87 14.26
O4B FAD G . 16.94 -5.30 14.70
C3B FAD G . 15.69 -3.35 14.26
O3B FAD G . 15.01 -2.87 15.42
C2B FAD G . 17.17 -3.01 14.37
O2B FAD G . 17.41 -1.74 15.00
C1B FAD G . 17.70 -4.19 15.15
N9A FAD G . 19.15 -4.45 14.95
C8A FAD G . 19.74 -4.99 13.86
N7A FAD G . 21.07 -5.11 14.05
C5A FAD G . 21.35 -4.64 15.28
C6A FAD G . 22.57 -4.48 16.12
N6A FAD G . 23.79 -4.84 15.67
N1A FAD G . 22.40 -3.94 17.35
C2A FAD G . 21.19 -3.57 17.84
N3A FAD G . 20.06 -3.70 17.13
C4A FAD G . 20.07 -4.21 15.87
N1 FAD G . 11.02 -13.84 12.51
C2 FAD G . 10.81 -14.83 13.41
O2 FAD G . 10.89 -14.54 14.62
N3 FAD G . 10.54 -16.10 13.02
C4 FAD G . 10.45 -16.47 11.74
O4 FAD G . 10.21 -17.66 11.45
C4X FAD G . 10.68 -15.44 10.68
N5 FAD G . 10.61 -15.70 9.34
C5X FAD G . 10.82 -14.72 8.42
C6 FAD G . 10.77 -15.02 7.06
C7 FAD G . 10.97 -14.03 6.10
C7M FAD G . 10.89 -14.40 4.63
C8 FAD G . 11.27 -12.63 6.53
C8M FAD G . 11.50 -11.54 5.52
C9 FAD G . 11.34 -12.33 7.89
C9A FAD G . 11.12 -13.32 8.85
N10 FAD G . 11.18 -13.03 10.25
C10 FAD G . 10.96 -14.07 11.18
C1' FAD G . 11.49 -11.68 10.73
C2' FAD G . 13.00 -11.54 10.96
O2' FAD G . 13.55 -12.73 11.53
C3' FAD G . 13.29 -10.39 11.91
O3' FAD G . 12.62 -9.23 11.41
C4' FAD G . 14.79 -10.12 12.08
O4' FAD G . 14.96 -9.22 13.17
C5' FAD G . 15.44 -9.52 10.83
O5' FAD G . 16.86 -9.50 10.99
P FAD G . 17.71 -8.36 10.21
O1P FAD G . 19.17 -8.65 10.42
O2P FAD G . 17.20 -8.28 8.77
O3P FAD G . 17.28 -7.07 11.09
FAL R58 H . 8.18 -20.19 13.75
CAI R58 H . 7.28 -20.42 12.81
FAJ R58 H . 7.55 -21.56 12.19
FAK R58 H . 6.12 -20.54 13.42
CAH R58 H . 7.28 -19.27 11.83
CAG R58 H . 6.89 -18.00 12.29
CAF R58 H . 6.88 -16.90 11.44
CAM R58 H . 7.67 -19.42 10.49
CAN R58 H . 7.67 -18.32 9.62
CAE R58 H . 7.26 -17.06 10.11
NAD R58 H . 7.24 -15.99 9.28
CAC R58 H . 7.61 -16.11 7.98
CAB R58 H . 7.58 -14.91 7.07
OBA R58 H . 7.39 -13.76 7.53
OAA R58 H . 7.72 -15.08 5.85
NAO R58 H . 8.03 -18.43 8.31
CAP R58 H . 8.00 -17.35 7.49
NAQ R58 H . 8.38 -17.42 6.18
CAR R58 H . 8.65 -18.65 5.47
CAS R58 H . 7.40 -19.23 4.85
CAT R58 H . 7.51 -20.15 3.80
CAU R58 H . 6.37 -20.70 3.22
CAZ R58 H . 6.12 -18.89 5.32
CAY R58 H . 4.97 -19.44 4.74
CAV R58 H . 5.10 -20.36 3.69
OAW R58 H . 3.96 -20.89 3.13
CAX R58 H . 3.95 -22.23 2.63
CAX3 R58 H . 2.66 -22.51 1.89
#